data_7U5Z
#
_entry.id   7U5Z
#
_cell.length_a   162.872
_cell.length_b   73.538
_cell.length_c   109.226
_cell.angle_alpha   90.000
_cell.angle_beta   100.470
_cell.angle_gamma   90.000
#
_symmetry.space_group_name_H-M   'C 1 2 1'
#
loop_
_entity.id
_entity.type
_entity.pdbx_description
1 polymer 'Reverse transcriptase/ribonuclease H'
2 polymer 'p51 RT'
3 non-polymer 2-chloro-4-({5-[(2,6-difluorophenyl)methyl]-1,3-oxazol-2-yl}amino)benzonitrile
4 water water
#
loop_
_entity_poly.entity_id
_entity_poly.type
_entity_poly.pdbx_seq_one_letter_code
_entity_poly.pdbx_strand_id
1 'polypeptide(L)'
;MVPISPIETVPVKLKPGMDGPKVKQWPLTEEKIKALVEICTEMEKEGKISKIGPENPYNTPVFAIKKKDSTKWRKLVDFR
ELNKRTQDFWEVQLGIPHPAGLKKKKSVTVLDVGDAYFSVPLDEDFRKYTAFTIPSINNETPGIRYQYNVLPQGWKGSPA
IFQSSMTKILEPFAAQNPDIVIYQYMDDLYVGSDLEIGQHRTKIEELRQHLLRWGLTTPDKKHQKEPPFLWMGYELHPDK
WTVQPIVLPEKDSWTVNDIQKLVGKLNWASQIYPGIKVRQLSKLLRGTKALTEVIPLTEEAELELAENREILKEPVHGVY
YDPSKDLIAEIQKQGQGQWTYQIYQEPFKNLKTGKYARMRGAHTNDVKQLTEAVQKITTESIVIWGKTPKFKLPIQKETW
ETWWTEYWQATWIPEWEFVNTPPLVKLWYQLEKEPIVGAETFYVDGAANRETKLGKAGYVTNKGRQKVVPLTNTTNQKTE
LQAIYLALQDSGLEVNIVTDSQYALGIIQAQPDKSESELVNQIIEQLIKKEKVYLAWVPAHKGIGGNEQVDKLVSAG
;
A
2 'polypeptide(L)'
;PISPIETVPVKLKPGMDGPKVKQWPLTEEKIKALVEICTEMEKEGKISKIGPENPYNTPVFAIKKKDSTKWRKLVDFREL
NKRTQDFWEVQLGIPHPAGLKKKKSVTVLDVGDAYFSVPLDEDFRKYTAFTIPSINNETPGIRYQYNVLPQGWKGSPAIF
QSSMTKILEPFKKQNPDIVIYQYMDDLYVGSDLEIGQHRTKIEELRQHLLRWGLTTPDKKHQKEPPFLWMGYELHPDKWT
VQPIVLPEKDSWTVNDIQKLVGKLNWASQIYPGIKVRQLSKLLRGTKALTEVIPLTEEAELELAENREILKEPVHGVYYD
PSKDLIAEIQKQGQGQWTYQIYQEPFKNLKTGKYARMRGAHTNDVKQLTEAVQKITTESIVIWGKTPKFKLPIQKETWET
WWTEYWQATWIPEWEFVNTPPLVKLWYQ
;
B
#
loop_
_chem_comp.id
_chem_comp.type
_chem_comp.name
_chem_comp.formula
LE8 non-polymer 2-chloro-4-({5-[(2,6-difluorophenyl)methyl]-1,3-oxazol-2-yl}amino)benzonitrile 'C17 H10 Cl F2 N3 O'
#
# COMPACT_ATOMS: atom_id res chain seq x y z
N MET A 1 -21.82 49.55 17.11
CA MET A 1 -21.63 48.30 16.37
C MET A 1 -20.16 48.09 16.04
N VAL A 2 -19.56 47.04 16.61
CA VAL A 2 -18.21 46.62 16.21
C VAL A 2 -18.32 45.87 14.89
N PRO A 3 -17.51 46.20 13.89
CA PRO A 3 -17.64 45.52 12.59
C PRO A 3 -17.15 44.08 12.69
N ILE A 4 -17.84 43.19 12.00
CA ILE A 4 -17.48 41.78 11.99
C ILE A 4 -17.14 41.37 10.57
N SER A 5 -16.00 40.71 10.41
CA SER A 5 -15.59 40.27 9.10
C SER A 5 -16.55 39.18 8.60
N PRO A 6 -16.81 39.12 7.30
CA PRO A 6 -17.69 38.08 6.77
C PRO A 6 -16.98 36.73 6.70
N ILE A 7 -17.78 35.69 6.66
CA ILE A 7 -17.30 34.33 6.43
C ILE A 7 -17.50 34.04 4.95
N GLU A 8 -16.41 34.07 4.20
CA GLU A 8 -16.48 33.84 2.77
C GLU A 8 -17.16 32.51 2.48
N THR A 9 -17.97 32.48 1.43
CA THR A 9 -18.76 31.30 1.08
C THR A 9 -17.92 30.31 0.29
N VAL A 10 -18.37 29.06 0.32
CA VAL A 10 -17.79 27.92 -0.39
C VAL A 10 -18.69 27.60 -1.58
N PRO A 11 -18.25 27.85 -2.84
CA PRO A 11 -18.99 27.38 -4.02
C PRO A 11 -19.44 25.94 -3.94
N VAL A 12 -20.74 25.70 -4.02
CA VAL A 12 -21.25 24.34 -4.10
C VAL A 12 -21.96 24.14 -5.43
N LYS A 13 -21.94 22.89 -5.91
CA LYS A 13 -22.56 22.45 -7.16
C LYS A 13 -23.26 21.13 -6.95
N LEU A 14 -24.24 20.85 -7.81
CA LEU A 14 -24.79 19.51 -7.83
C LEU A 14 -23.92 18.63 -8.72
N LYS A 15 -24.07 17.32 -8.51
CA LYS A 15 -23.38 16.34 -9.33
C LYS A 15 -23.63 16.65 -10.80
N PRO A 16 -22.70 16.34 -11.69
CA PRO A 16 -22.86 16.74 -13.09
C PRO A 16 -24.11 16.08 -13.67
N GLY A 17 -24.78 16.82 -14.56
CA GLY A 17 -25.98 16.34 -15.23
C GLY A 17 -27.15 16.03 -14.33
N MET A 18 -27.00 16.12 -13.02
CA MET A 18 -28.12 15.96 -12.10
C MET A 18 -28.71 17.30 -11.72
N ASP A 19 -29.91 17.25 -11.15
CA ASP A 19 -30.62 18.46 -10.82
C ASP A 19 -31.20 18.38 -9.41
N GLY A 20 -31.70 19.52 -8.95
CA GLY A 20 -32.23 19.65 -7.62
C GLY A 20 -33.24 18.58 -7.29
N PRO A 21 -33.76 18.63 -6.06
CA PRO A 21 -34.82 17.70 -5.66
C PRO A 21 -36.19 18.29 -5.92
N LYS A 22 -37.14 17.39 -6.18
CA LYS A 22 -38.55 17.74 -6.35
C LYS A 22 -39.35 16.60 -5.73
N VAL A 23 -39.63 16.70 -4.42
CA VAL A 23 -40.28 15.65 -3.66
C VAL A 23 -41.51 16.22 -2.95
N LYS A 24 -42.49 15.34 -2.72
CA LYS A 24 -43.82 15.76 -2.27
C LYS A 24 -43.81 16.16 -0.81
N GLN A 25 -44.29 17.37 -0.52
CA GLN A 25 -44.54 17.76 0.86
C GLN A 25 -45.69 16.93 1.43
N TRP A 26 -45.36 16.12 2.43
CA TRP A 26 -46.35 15.24 3.05
C TRP A 26 -47.49 16.05 3.66
N PRO A 27 -48.68 15.45 3.78
CA PRO A 27 -49.77 16.12 4.52
C PRO A 27 -49.51 16.06 6.03
N LEU A 28 -49.69 17.19 6.69
CA LEU A 28 -49.48 17.28 8.12
C LEU A 28 -50.80 17.44 8.86
N THR A 29 -50.77 17.14 10.16
CA THR A 29 -51.85 17.55 11.03
C THR A 29 -51.82 19.07 11.24
N GLU A 30 -52.98 19.62 11.65
CA GLU A 30 -53.06 21.05 11.95
C GLU A 30 -52.20 21.40 13.16
N GLU A 31 -52.15 20.50 14.15
CA GLU A 31 -51.32 20.70 15.32
C GLU A 31 -49.84 20.75 14.96
N LYS A 32 -49.40 19.92 14.01
CA LYS A 32 -47.99 19.93 13.61
C LYS A 32 -47.66 21.20 12.82
N ILE A 33 -48.45 21.49 11.78
CA ILE A 33 -48.26 22.68 10.95
C ILE A 33 -48.11 23.93 11.82
N LYS A 34 -49.02 24.10 12.79
CA LYS A 34 -48.91 25.20 13.72
C LYS A 34 -47.54 25.26 14.36
N ALA A 35 -46.98 24.09 14.72
CA ALA A 35 -45.69 24.11 15.39
C ALA A 35 -44.58 24.52 14.43
N LEU A 36 -44.60 23.97 13.21
CA LEU A 36 -43.60 24.35 12.22
C LEU A 36 -43.60 25.87 12.01
N VAL A 37 -44.78 26.45 11.85
CA VAL A 37 -44.87 27.87 11.50
C VAL A 37 -44.18 28.73 12.56
N GLU A 38 -44.29 28.33 13.82
CA GLU A 38 -43.68 29.12 14.89
C GLU A 38 -42.16 29.01 14.82
N ILE A 39 -41.65 27.78 14.78
CA ILE A 39 -40.22 27.55 14.64
C ILE A 39 -39.68 28.34 13.45
N CYS A 40 -40.24 28.08 12.26
CA CYS A 40 -39.70 28.71 11.07
C CYS A 40 -39.79 30.23 11.13
N THR A 41 -40.75 30.77 11.87
CA THR A 41 -40.77 32.23 12.03
C THR A 41 -39.58 32.71 12.86
N GLU A 42 -39.17 31.92 13.85
CA GLU A 42 -38.05 32.29 14.71
C GLU A 42 -36.71 32.08 14.01
N MET A 43 -36.59 31.03 13.19
CA MET A 43 -35.39 30.88 12.38
C MET A 43 -35.27 32.04 11.40
N GLU A 44 -36.35 32.37 10.69
CA GLU A 44 -36.34 33.52 9.79
C GLU A 44 -35.96 34.78 10.56
N LYS A 45 -36.55 34.96 11.75
CA LYS A 45 -36.20 36.12 12.55
C LYS A 45 -34.69 36.16 12.81
N GLU A 46 -34.09 34.99 13.04
CA GLU A 46 -32.66 34.93 13.33
C GLU A 46 -31.80 35.03 12.07
N GLY A 47 -32.35 34.69 10.90
CA GLY A 47 -31.64 34.78 9.63
C GLY A 47 -31.36 33.44 8.96
N LYS A 48 -31.72 32.33 9.61
CA LYS A 48 -31.33 31.02 9.11
C LYS A 48 -32.11 30.60 7.86
N ILE A 49 -33.31 31.13 7.64
CA ILE A 49 -34.08 30.84 6.44
C ILE A 49 -34.70 32.13 5.92
N SER A 50 -35.26 32.04 4.71
CA SER A 50 -35.95 33.16 4.07
C SER A 50 -37.11 32.66 3.22
N LYS A 51 -38.19 33.46 3.20
CA LYS A 51 -39.37 33.13 2.39
C LYS A 51 -39.10 33.33 0.91
N ILE A 52 -39.51 32.37 0.10
CA ILE A 52 -39.28 32.40 -1.33
C ILE A 52 -40.61 32.48 -2.06
N GLY A 53 -40.60 33.13 -3.22
CA GLY A 53 -41.73 33.13 -4.11
C GLY A 53 -41.98 31.77 -4.72
N PRO A 54 -42.78 31.74 -5.80
CA PRO A 54 -43.27 30.46 -6.34
C PRO A 54 -42.54 29.93 -7.57
N GLU A 55 -41.57 30.68 -8.11
CA GLU A 55 -40.79 30.20 -9.24
C GLU A 55 -39.98 28.96 -8.87
N ASN A 56 -39.36 28.96 -7.70
CA ASN A 56 -38.55 27.86 -7.23
C ASN A 56 -39.28 26.53 -7.41
N PRO A 57 -38.77 25.63 -8.25
CA PRO A 57 -39.44 24.35 -8.50
C PRO A 57 -38.99 23.21 -7.61
N TYR A 58 -38.13 23.48 -6.63
CA TYR A 58 -37.52 22.45 -5.82
C TYR A 58 -38.24 22.35 -4.48
N ASN A 59 -38.20 21.15 -3.89
CA ASN A 59 -38.85 20.98 -2.61
C ASN A 59 -38.21 19.83 -1.85
N THR A 60 -37.97 20.06 -0.57
CA THR A 60 -37.59 18.98 0.34
C THR A 60 -38.67 18.83 1.40
N PRO A 61 -39.16 17.62 1.66
CA PRO A 61 -40.19 17.45 2.69
C PRO A 61 -39.68 17.88 4.07
N VAL A 62 -40.63 18.22 4.93
CA VAL A 62 -40.33 18.68 6.29
C VAL A 62 -41.30 18.00 7.23
N PHE A 63 -40.84 17.70 8.45
CA PHE A 63 -41.61 16.97 9.43
C PHE A 63 -41.55 17.68 10.77
N ALA A 64 -42.45 17.27 11.67
CA ALA A 64 -42.44 17.71 13.05
C ALA A 64 -42.39 16.48 13.94
N ILE A 65 -41.44 16.46 14.88
CA ILE A 65 -41.25 15.35 15.81
C ILE A 65 -41.38 15.87 17.23
N LYS A 66 -42.11 15.12 18.05
CA LYS A 66 -42.44 15.50 19.42
C LYS A 66 -41.26 15.19 20.33
N LYS A 67 -40.66 16.23 20.92
CA LYS A 67 -39.58 16.01 21.88
C LYS A 67 -40.08 15.17 23.04
N LYS A 68 -39.51 13.96 23.19
CA LYS A 68 -39.97 13.01 24.19
C LYS A 68 -40.08 13.67 25.57
N SER A 70 -41.59 16.13 26.35
CA SER A 70 -41.70 17.57 26.21
C SER A 70 -42.98 17.86 25.43
N THR A 71 -43.64 18.97 25.79
CA THR A 71 -44.78 19.45 25.03
C THR A 71 -44.35 20.28 23.83
N LYS A 72 -43.07 20.24 23.47
CA LYS A 72 -42.51 21.08 22.43
C LYS A 72 -42.21 20.23 21.19
N TRP A 73 -42.41 20.84 20.02
CA TRP A 73 -42.18 20.20 18.73
C TRP A 73 -40.83 20.60 18.15
N ARG A 74 -40.27 19.72 17.34
CA ARG A 74 -38.97 19.94 16.71
C ARG A 74 -39.12 19.75 15.20
N LYS A 75 -38.50 20.65 14.44
CA LYS A 75 -38.61 20.61 12.99
C LYS A 75 -37.48 19.76 12.41
N LEU A 76 -37.80 19.04 11.33
CA LEU A 76 -36.89 18.04 10.76
C LEU A 76 -37.01 18.06 9.24
N VAL A 77 -36.12 18.81 8.58
CA VAL A 77 -36.07 18.83 7.13
C VAL A 77 -35.27 17.63 6.63
N ASP A 78 -35.85 16.85 5.72
CA ASP A 78 -35.30 15.57 5.29
C ASP A 78 -34.64 15.71 3.91
N PHE A 79 -33.32 15.92 3.92
CA PHE A 79 -32.56 16.17 2.70
C PHE A 79 -31.97 14.91 2.08
N ARG A 80 -32.40 13.73 2.51
CA ARG A 80 -31.89 12.50 1.91
C ARG A 80 -31.85 12.60 0.38
N GLU A 81 -32.87 13.21 -0.21
CA GLU A 81 -32.92 13.34 -1.66
C GLU A 81 -31.92 14.38 -2.16
N LEU A 82 -31.92 15.59 -1.59
CA LEU A 82 -30.98 16.61 -2.06
C LEU A 82 -29.54 16.16 -1.89
N ASN A 83 -29.27 15.31 -0.90
CA ASN A 83 -27.90 14.86 -0.70
C ASN A 83 -27.44 13.97 -1.85
N LYS A 84 -28.26 13.00 -2.24
CA LYS A 84 -27.89 12.14 -3.36
C LYS A 84 -27.43 12.95 -4.58
N ARG A 85 -27.89 14.19 -4.71
CA ARG A 85 -27.66 14.98 -5.90
C ARG A 85 -26.63 16.09 -5.70
N THR A 86 -26.09 16.23 -4.50
CA THR A 86 -25.04 17.21 -4.22
C THR A 86 -23.67 16.63 -4.59
N GLN A 87 -22.72 17.51 -4.90
CA GLN A 87 -21.37 17.04 -5.25
C GLN A 87 -20.65 16.43 -4.04
N ASP A 88 -19.67 15.58 -4.34
CA ASP A 88 -18.72 15.11 -3.34
C ASP A 88 -17.87 16.26 -2.80
N PHE A 89 -17.48 16.13 -1.53
CA PHE A 89 -16.66 17.12 -0.83
C PHE A 89 -15.37 16.45 -0.36
N TRP A 90 -14.34 17.26 -0.09
CA TRP A 90 -13.13 16.72 0.54
C TRP A 90 -13.30 16.64 2.05
N GLU A 91 -13.59 15.46 2.56
CA GLU A 91 -13.63 15.27 4.00
C GLU A 91 -12.22 15.28 4.58
N VAL A 92 -12.09 15.92 5.75
CA VAL A 92 -10.84 15.90 6.48
C VAL A 92 -10.91 15.03 7.73
N GLN A 93 -12.09 14.84 8.31
CA GLN A 93 -12.21 13.97 9.46
C GLN A 93 -12.05 12.49 9.12
N LEU A 94 -11.73 12.14 7.86
CA LEU A 94 -11.55 10.73 7.51
C LEU A 94 -10.59 10.03 8.48
N GLY A 95 -9.55 10.71 8.91
CA GLY A 95 -8.65 10.20 9.92
C GLY A 95 -8.91 10.91 11.24
N ILE A 96 -9.16 10.11 12.27
CA ILE A 96 -9.34 10.65 13.62
C ILE A 96 -8.04 10.43 14.37
N PRO A 97 -7.67 11.31 15.30
CA PRO A 97 -6.43 11.09 16.05
C PRO A 97 -6.57 9.91 16.98
N HIS A 98 -5.43 9.32 17.30
CA HIS A 98 -5.49 8.27 18.31
C HIS A 98 -4.93 8.80 19.61
N PRO A 99 -5.60 8.58 20.75
CA PRO A 99 -5.10 9.15 22.01
C PRO A 99 -3.63 8.86 22.29
N ALA A 100 -3.11 7.71 21.85
CA ALA A 100 -1.72 7.42 22.17
C ALA A 100 -0.78 8.44 21.52
N GLY A 101 -1.27 9.19 20.54
CA GLY A 101 -0.42 10.13 19.83
C GLY A 101 -0.49 11.53 20.40
N LEU A 102 -1.51 11.79 21.22
CA LEU A 102 -1.62 13.08 21.88
C LEU A 102 -0.45 13.30 22.83
N LYS A 103 -0.18 14.57 23.12
CA LYS A 103 0.80 14.93 24.15
C LYS A 103 0.08 15.23 25.45
N LYS A 104 0.78 15.04 26.56
CA LYS A 104 0.24 15.40 27.86
C LYS A 104 0.05 16.92 27.95
N LYS A 105 -1.06 17.33 28.55
CA LYS A 105 -1.34 18.76 28.78
C LYS A 105 -1.61 19.04 30.26
N LYS A 106 -1.03 20.14 30.76
CA LYS A 106 -1.37 20.59 32.11
C LYS A 106 -2.81 21.08 32.20
N SER A 107 -3.27 21.87 31.21
CA SER A 107 -4.64 22.39 31.24
C SER A 107 -5.31 22.15 29.91
N VAL A 108 -6.62 21.85 29.94
CA VAL A 108 -7.37 21.56 28.72
C VAL A 108 -8.82 21.98 28.84
N THR A 109 -9.24 22.93 28.00
CA THR A 109 -10.61 23.40 27.98
C THR A 109 -11.30 22.97 26.69
N VAL A 110 -12.62 23.04 26.71
CA VAL A 110 -13.46 22.72 25.56
C VAL A 110 -14.53 23.79 25.40
N LEU A 111 -14.39 24.62 24.38
CA LEU A 111 -15.45 25.54 24.00
C LEU A 111 -16.50 24.80 23.18
N ASP A 112 -17.72 25.33 23.21
CA ASP A 112 -18.82 24.78 22.41
C ASP A 112 -19.19 25.78 21.33
N VAL A 113 -19.34 25.28 20.11
CA VAL A 113 -19.51 26.16 18.95
C VAL A 113 -20.75 25.76 18.14
N GLY A 114 -21.91 25.79 18.80
CA GLY A 114 -23.20 25.64 18.14
C GLY A 114 -23.84 26.94 17.69
N ASP A 115 -23.21 28.09 17.95
CA ASP A 115 -23.67 29.41 17.50
C ASP A 115 -23.00 29.85 16.21
N ALA A 116 -21.69 29.59 16.08
CA ALA A 116 -20.95 29.95 14.87
C ALA A 116 -21.44 29.14 13.67
N TYR A 117 -21.81 27.88 13.88
CA TYR A 117 -22.29 27.03 12.80
C TYR A 117 -23.38 27.71 11.97
N PHE A 118 -24.13 28.63 12.59
CA PHE A 118 -25.13 29.42 11.90
C PHE A 118 -24.59 30.74 11.42
N SER A 119 -23.49 31.22 11.97
CA SER A 119 -22.87 32.33 11.26
C SER A 119 -22.18 31.87 10.00
N VAL A 120 -22.32 30.61 9.59
CA VAL A 120 -21.67 30.09 8.39
C VAL A 120 -22.65 30.09 7.23
N PRO A 121 -22.59 31.10 6.37
CA PRO A 121 -23.57 31.21 5.29
C PRO A 121 -23.44 30.05 4.32
N LEU A 122 -24.48 29.90 3.51
CA LEU A 122 -24.51 28.92 2.42
C LEU A 122 -24.32 29.64 1.09
N ASP A 123 -23.66 28.95 0.16
CA ASP A 123 -23.46 29.48 -1.19
C ASP A 123 -24.78 29.94 -1.80
N GLU A 124 -24.87 31.24 -2.08
CA GLU A 124 -26.08 31.85 -2.64
C GLU A 124 -26.70 31.02 -3.75
N ASP A 125 -25.94 30.76 -4.82
CA ASP A 125 -26.48 30.03 -5.95
C ASP A 125 -27.02 28.66 -5.56
N PHE A 126 -26.76 28.19 -4.34
CA PHE A 126 -27.17 26.84 -3.99
C PHE A 126 -28.40 26.80 -3.07
N ARG A 127 -28.73 27.93 -2.44
CA ARG A 127 -29.86 27.96 -1.51
C ARG A 127 -31.12 27.38 -2.15
N LYS A 128 -31.41 27.79 -3.39
CA LYS A 128 -32.64 27.38 -4.06
C LYS A 128 -32.88 25.89 -3.95
N TYR A 129 -31.81 25.08 -3.98
CA TYR A 129 -31.99 23.65 -3.91
C TYR A 129 -32.56 23.20 -2.56
N THR A 130 -32.62 24.08 -1.57
CA THR A 130 -32.96 23.70 -0.20
C THR A 130 -34.42 24.01 0.15
N ALA A 131 -35.30 24.15 -0.85
CA ALA A 131 -36.64 24.64 -0.59
C ALA A 131 -37.50 23.59 0.08
N PHE A 132 -38.30 24.04 1.06
CA PHE A 132 -39.30 23.18 1.69
C PHE A 132 -40.61 23.97 1.84
N THR A 133 -41.69 23.25 2.11
CA THR A 133 -43.02 23.86 2.18
C THR A 133 -43.73 23.41 3.44
N ILE A 134 -44.06 24.37 4.31
CA ILE A 134 -45.01 24.11 5.39
C ILE A 134 -46.41 24.05 4.78
N PRO A 135 -47.09 22.90 4.77
CA PRO A 135 -48.46 22.87 4.23
C PRO A 135 -49.35 23.85 5.01
N SER A 136 -50.36 24.39 4.32
CA SER A 136 -51.26 25.32 4.99
C SER A 136 -52.39 24.58 5.71
N ILE A 137 -52.97 25.27 6.71
CA ILE A 137 -54.13 24.73 7.41
C ILE A 137 -55.24 24.47 6.39
N ASN A 138 -55.80 23.27 6.44
CA ASN A 138 -56.90 22.85 5.57
C ASN A 138 -56.57 22.96 4.08
N ASN A 139 -55.29 23.14 3.73
CA ASN A 139 -54.86 23.21 2.33
C ASN A 139 -55.66 24.25 1.54
N GLU A 140 -56.06 25.34 2.20
CA GLU A 140 -56.89 26.36 1.58
C GLU A 140 -56.10 27.62 1.23
N THR A 141 -54.83 27.67 1.58
CA THR A 141 -53.92 28.72 1.12
C THR A 141 -52.70 28.07 0.47
N PRO A 142 -51.86 28.87 -0.17
CA PRO A 142 -50.56 28.35 -0.66
C PRO A 142 -49.62 28.04 0.51
N GLY A 143 -48.98 26.87 0.45
CA GLY A 143 -48.01 26.54 1.47
C GLY A 143 -46.95 27.62 1.61
N ILE A 144 -46.47 27.82 2.83
CA ILE A 144 -45.35 28.73 3.01
C ILE A 144 -44.09 28.08 2.45
N ARG A 145 -43.28 28.90 1.77
CA ARG A 145 -42.09 28.39 1.09
C ARG A 145 -40.82 29.04 1.68
N TYR A 146 -39.90 28.21 2.14
CA TYR A 146 -38.64 28.66 2.71
C TYR A 146 -37.45 28.00 2.02
N GLN A 147 -36.32 28.73 2.02
CA GLN A 147 -35.02 28.20 1.63
C GLN A 147 -33.98 28.62 2.67
N TYR A 148 -32.89 27.84 2.75
CA TYR A 148 -31.88 28.08 3.76
C TYR A 148 -30.88 29.15 3.32
N ASN A 149 -30.35 29.88 4.30
CA ASN A 149 -29.27 30.84 4.11
C ASN A 149 -27.99 30.40 4.81
N VAL A 150 -28.00 29.23 5.45
CA VAL A 150 -26.87 28.74 6.22
C VAL A 150 -26.83 27.24 6.07
N LEU A 151 -25.68 26.64 6.39
CA LEU A 151 -25.55 25.20 6.33
C LEU A 151 -26.70 24.55 7.11
N PRO A 152 -27.49 23.69 6.48
CA PRO A 152 -28.60 23.05 7.20
C PRO A 152 -28.17 21.78 7.90
N GLN A 153 -28.68 21.60 9.12
CA GLN A 153 -28.52 20.34 9.82
C GLN A 153 -29.02 19.22 8.94
N GLY A 154 -28.14 18.28 8.62
CA GLY A 154 -28.49 17.14 7.78
C GLY A 154 -28.05 17.22 6.33
N TRP A 155 -27.59 18.37 5.86
CA TRP A 155 -27.13 18.45 4.49
C TRP A 155 -25.76 17.79 4.33
N LYS A 156 -25.56 17.20 3.15
CA LYS A 156 -24.36 16.44 2.87
C LYS A 156 -23.09 17.26 3.08
N GLY A 157 -23.11 18.55 2.72
CA GLY A 157 -21.96 19.42 2.79
C GLY A 157 -21.80 20.28 4.02
N SER A 158 -22.61 20.09 5.07
CA SER A 158 -22.46 20.94 6.24
C SER A 158 -21.20 20.60 7.02
N PRO A 159 -20.95 19.35 7.40
CA PRO A 159 -19.69 19.01 8.07
C PRO A 159 -18.46 19.62 7.42
N ALA A 160 -18.22 19.31 6.14
CA ALA A 160 -16.99 19.77 5.50
C ALA A 160 -16.88 21.29 5.57
N ILE A 161 -17.95 21.98 5.18
CA ILE A 161 -17.86 23.42 5.02
C ILE A 161 -17.76 24.10 6.38
N PHE A 162 -18.39 23.51 7.40
CA PHE A 162 -18.26 24.02 8.76
C PHE A 162 -16.81 23.92 9.23
N GLN A 163 -16.28 22.70 9.21
CA GLN A 163 -14.87 22.46 9.52
C GLN A 163 -13.95 23.42 8.77
N SER A 164 -14.07 23.45 7.43
CA SER A 164 -13.12 24.25 6.66
C SER A 164 -13.20 25.71 7.05
N SER A 165 -14.39 26.21 7.41
CA SER A 165 -14.51 27.61 7.77
C SER A 165 -13.95 27.87 9.17
N MET A 166 -14.18 26.98 10.12
CA MET A 166 -13.55 27.14 11.43
C MET A 166 -12.03 27.12 11.32
N THR A 167 -11.50 26.15 10.57
CA THR A 167 -10.06 26.05 10.37
C THR A 167 -9.46 27.38 9.98
N LYS A 168 -9.99 28.00 8.92
CA LYS A 168 -9.39 29.22 8.40
C LYS A 168 -9.55 30.38 9.37
N ILE A 169 -10.64 30.39 10.14
CA ILE A 169 -10.77 31.38 11.20
C ILE A 169 -9.70 31.18 12.26
N LEU A 170 -9.56 29.94 12.73
CA LEU A 170 -8.65 29.65 13.83
C LEU A 170 -7.18 29.76 13.44
N GLU A 171 -6.83 29.62 12.16
CA GLU A 171 -5.44 29.52 11.75
C GLU A 171 -4.55 30.63 12.29
N PRO A 172 -4.85 31.91 12.13
CA PRO A 172 -3.90 32.94 12.61
C PRO A 172 -3.75 32.91 14.11
N PHE A 173 -4.84 32.65 14.84
CA PHE A 173 -4.77 32.59 16.29
C PHE A 173 -3.87 31.46 16.77
N ALA A 174 -3.98 30.27 16.15
CA ALA A 174 -3.09 29.16 16.50
C ALA A 174 -1.64 29.47 16.15
N ALA A 175 -1.41 30.15 15.01
CA ALA A 175 -0.06 30.46 14.57
C ALA A 175 0.61 31.44 15.51
N GLN A 176 -0.17 32.36 16.07
CA GLN A 176 0.35 33.34 17.02
C GLN A 176 0.24 32.85 18.46
N ASN A 177 0.00 31.56 18.66
CA ASN A 177 -0.02 30.99 20.00
C ASN A 177 0.50 29.56 19.94
N PRO A 178 1.72 29.35 19.43
CA PRO A 178 2.23 27.97 19.30
C PRO A 178 2.36 27.25 20.63
N ASP A 179 2.19 27.92 21.75
CA ASP A 179 2.25 27.28 23.06
C ASP A 179 0.90 26.69 23.48
N ILE A 180 0.02 26.41 22.52
CA ILE A 180 -1.24 25.75 22.79
C ILE A 180 -1.59 24.90 21.59
N VAL A 181 -2.53 23.97 21.76
CA VAL A 181 -3.02 23.14 20.68
C VAL A 181 -4.53 23.33 20.56
N ILE A 182 -5.03 23.29 19.33
CA ILE A 182 -6.44 23.50 19.02
C ILE A 182 -6.91 22.39 18.09
N TYR A 183 -8.12 21.88 18.32
CA TYR A 183 -8.65 20.78 17.53
C TYR A 183 -10.19 20.80 17.64
N GLN A 184 -10.87 20.58 16.51
CA GLN A 184 -12.32 20.78 16.43
C GLN A 184 -13.04 19.58 15.84
N TYR A 185 -14.14 19.18 16.49
CA TYR A 185 -14.92 17.98 16.19
C TYR A 185 -16.35 18.22 16.64
N MET A 186 -17.31 18.01 15.75
CA MET A 186 -18.71 18.36 16.07
C MET A 186 -18.72 19.85 16.45
N ASP A 187 -19.48 20.24 17.47
CA ASP A 187 -19.55 21.61 17.94
C ASP A 187 -18.52 21.92 19.03
N ASP A 188 -17.47 21.11 19.16
CA ASP A 188 -16.55 21.17 20.29
C ASP A 188 -15.16 21.58 19.84
N LEU A 189 -14.64 22.68 20.40
CA LEU A 189 -13.26 23.08 20.24
C LEU A 189 -12.46 22.65 21.45
N TYR A 190 -11.31 22.01 21.21
CA TYR A 190 -10.40 21.59 22.26
C TYR A 190 -9.17 22.50 22.26
N VAL A 191 -8.91 23.12 23.40
CA VAL A 191 -7.69 23.89 23.58
C VAL A 191 -6.98 23.32 24.79
N GLY A 192 -5.72 22.94 24.61
CA GLY A 192 -4.90 22.50 25.71
C GLY A 192 -3.58 23.24 25.66
N SER A 193 -2.89 23.25 26.79
CA SER A 193 -1.59 23.88 26.91
C SER A 193 -0.89 23.34 28.15
N ASP A 194 0.34 23.79 28.34
CA ASP A 194 1.11 23.54 29.56
C ASP A 194 1.32 24.81 30.37
N LEU A 195 0.58 25.86 30.09
CA LEU A 195 0.62 27.07 30.89
C LEU A 195 -0.05 26.82 32.23
N GLU A 196 0.30 27.66 33.21
CA GLU A 196 -0.43 27.70 34.48
C GLU A 196 -1.86 28.16 34.22
N ILE A 197 -2.79 27.66 35.05
CA ILE A 197 -4.21 27.84 34.76
C ILE A 197 -4.56 29.31 34.60
N GLY A 198 -3.82 30.20 35.24
CA GLY A 198 -4.10 31.61 35.06
C GLY A 198 -3.88 32.02 33.62
N GLN A 199 -2.65 31.79 33.14
CA GLN A 199 -2.34 32.11 31.76
C GLN A 199 -3.23 31.35 30.79
N HIS A 200 -3.63 30.13 31.15
CA HIS A 200 -4.43 29.32 30.25
C HIS A 200 -5.84 29.88 30.10
N ARG A 201 -6.48 30.25 31.20
CA ARG A 201 -7.81 30.87 31.10
C ARG A 201 -7.74 32.22 30.39
N THR A 202 -6.61 32.91 30.51
CA THR A 202 -6.40 34.12 29.73
C THR A 202 -6.55 33.84 28.25
N LYS A 203 -5.77 32.90 27.74
CA LYS A 203 -5.77 32.65 26.31
C LYS A 203 -7.13 32.16 25.80
N ILE A 204 -7.83 31.35 26.59
CA ILE A 204 -9.20 30.99 26.20
C ILE A 204 -10.05 32.24 26.03
N GLU A 205 -9.76 33.26 26.83
CA GLU A 205 -10.43 34.54 26.68
C GLU A 205 -10.03 35.22 25.37
N GLU A 206 -8.72 35.34 25.13
CA GLU A 206 -8.28 35.87 23.85
C GLU A 206 -8.94 35.13 22.69
N LEU A 207 -9.08 33.80 22.80
CA LEU A 207 -9.69 33.03 21.72
C LEU A 207 -11.14 33.45 21.49
N ARG A 208 -11.91 33.59 22.56
CA ARG A 208 -13.30 34.04 22.41
C ARG A 208 -13.36 35.42 21.75
N GLN A 209 -12.50 36.34 22.18
CA GLN A 209 -12.40 37.64 21.52
C GLN A 209 -12.19 37.48 20.03
N HIS A 210 -11.15 36.72 19.65
CA HIS A 210 -10.86 36.46 18.24
C HIS A 210 -12.06 35.87 17.52
N LEU A 211 -12.84 35.04 18.20
CA LEU A 211 -14.05 34.52 17.58
C LEU A 211 -15.15 35.57 17.48
N LEU A 212 -14.98 36.70 18.16
CA LEU A 212 -16.02 37.75 18.13
C LEU A 212 -15.84 38.51 16.81
N ARG A 213 -14.59 38.65 16.36
CA ARG A 213 -14.32 39.30 15.05
CA ARG A 213 -14.33 39.31 15.05
C ARG A 213 -15.15 38.74 13.86
N TRP A 214 -15.55 37.48 14.04
CA TRP A 214 -16.40 36.88 12.98
C TRP A 214 -17.81 36.76 13.53
N GLY A 215 -18.07 37.43 14.65
CA GLY A 215 -19.41 37.45 15.24
C GLY A 215 -19.77 36.09 15.79
N LEU A 216 -18.79 35.39 16.34
CA LEU A 216 -19.07 34.03 16.79
C LEU A 216 -19.00 33.99 18.30
N THR A 217 -20.11 33.64 18.92
CA THR A 217 -20.28 33.74 20.37
C THR A 217 -20.16 32.35 20.98
N THR A 218 -19.30 32.24 21.99
CA THR A 218 -18.98 31.00 22.68
C THR A 218 -19.39 31.07 24.14
N PRO A 219 -19.59 29.92 24.79
CA PRO A 219 -20.07 29.91 26.18
C PRO A 219 -19.11 30.62 27.13
N ASP A 220 -19.65 31.02 28.28
CA ASP A 220 -18.91 31.74 29.31
C ASP A 220 -18.04 30.78 30.10
N LYS A 221 -17.32 31.31 31.10
CA LYS A 221 -16.49 30.46 31.95
C LYS A 221 -17.26 29.28 32.50
N LYS A 222 -18.59 29.35 32.52
CA LYS A 222 -19.44 28.23 32.90
C LYS A 222 -19.08 26.98 32.11
N LYS A 225 -16.51 22.26 29.69
CA LYS A 225 -16.13 21.69 30.98
C LYS A 225 -14.63 21.47 31.06
N GLU A 226 -14.23 20.50 31.88
CA GLU A 226 -12.82 20.16 32.03
C GLU A 226 -12.68 18.64 32.18
N PRO A 227 -11.46 18.12 32.25
CA PRO A 227 -11.26 16.65 32.25
C PRO A 227 -12.15 15.96 33.27
N PRO A 228 -12.40 14.66 33.09
CA PRO A 228 -12.01 14.00 31.85
C PRO A 228 -13.06 14.20 30.77
N PHE A 229 -12.70 13.98 29.51
CA PHE A 229 -13.63 14.10 28.40
C PHE A 229 -13.96 12.73 27.86
N LEU A 230 -15.20 12.58 27.37
CA LEU A 230 -15.60 11.40 26.61
C LEU A 230 -15.68 11.81 25.15
N TRP A 231 -15.01 11.05 24.29
CA TRP A 231 -14.78 11.47 22.92
C TRP A 231 -14.39 10.25 22.11
N MET A 232 -15.16 9.96 21.06
CA MET A 232 -14.87 8.84 20.17
C MET A 232 -14.66 7.54 20.95
N GLY A 233 -15.33 7.41 22.09
CA GLY A 233 -15.26 6.18 22.85
C GLY A 233 -14.07 6.10 23.77
N TYR A 234 -13.34 7.19 23.95
CA TYR A 234 -12.21 7.25 24.85
C TYR A 234 -12.58 8.06 26.08
N GLU A 235 -11.78 7.89 27.13
CA GLU A 235 -11.77 8.78 28.29
C GLU A 235 -10.44 9.53 28.27
N LEU A 236 -10.48 10.84 28.01
CA LEU A 236 -9.28 11.65 27.94
C LEU A 236 -9.11 12.41 29.24
N HIS A 237 -7.98 12.17 29.93
CA HIS A 237 -7.56 12.93 31.10
C HIS A 237 -6.30 13.71 30.76
N PRO A 238 -5.94 14.71 31.57
CA PRO A 238 -4.76 15.52 31.25
C PRO A 238 -3.47 14.72 31.12
N ASP A 239 -3.30 13.64 31.87
CA ASP A 239 -2.06 12.87 31.84
C ASP A 239 -2.28 11.42 31.47
N LYS A 240 -3.51 11.05 31.12
CA LYS A 240 -3.70 9.67 30.73
C LYS A 240 -5.01 9.50 29.97
N TRP A 241 -5.11 8.37 29.28
CA TRP A 241 -6.28 8.02 28.47
C TRP A 241 -6.54 6.53 28.63
N THR A 242 -7.80 6.16 28.48
CA THR A 242 -8.21 4.78 28.35
C THR A 242 -9.52 4.79 27.56
N VAL A 243 -9.99 3.62 27.19
CA VAL A 243 -11.27 3.53 26.50
C VAL A 243 -12.37 3.72 27.53
N GLN A 244 -13.60 3.95 27.06
CA GLN A 244 -14.73 3.82 27.95
C GLN A 244 -14.83 2.36 28.40
N PRO A 245 -15.53 2.10 29.51
CA PRO A 245 -15.46 0.78 30.14
C PRO A 245 -15.88 -0.37 29.21
N ILE A 246 -15.23 -1.52 29.42
CA ILE A 246 -15.43 -2.73 28.63
C ILE A 246 -16.13 -3.74 29.52
N VAL A 247 -17.45 -3.88 29.36
CA VAL A 247 -18.26 -4.82 30.14
C VAL A 247 -18.64 -5.98 29.23
N LEU A 248 -17.99 -7.15 29.43
CA LEU A 248 -18.29 -8.38 28.70
C LEU A 248 -19.54 -9.03 29.29
N PRO A 249 -20.67 -9.04 28.56
CA PRO A 249 -21.91 -9.52 29.16
C PRO A 249 -21.81 -10.99 29.56
N GLU A 250 -22.53 -11.33 30.64
CA GLU A 250 -22.79 -12.72 30.97
C GLU A 250 -23.98 -13.22 30.15
N LYS A 251 -23.84 -14.43 29.61
CA LYS A 251 -24.90 -15.01 28.79
C LYS A 251 -24.77 -16.53 28.81
N ASP A 252 -25.82 -17.20 29.28
CA ASP A 252 -25.89 -18.66 29.23
C ASP A 252 -26.43 -19.15 27.89
N SER A 253 -26.41 -18.30 26.87
CA SER A 253 -26.81 -18.66 25.51
C SER A 253 -26.43 -17.55 24.56
N TRP A 254 -25.45 -17.81 23.68
CA TRP A 254 -24.87 -16.81 22.80
C TRP A 254 -25.31 -17.04 21.36
N THR A 255 -25.60 -15.94 20.66
CA THR A 255 -26.06 -16.00 19.28
C THR A 255 -25.13 -15.18 18.39
N VAL A 256 -25.38 -15.25 17.08
CA VAL A 256 -24.46 -14.65 16.10
C VAL A 256 -24.37 -13.13 16.26
N ASN A 257 -25.47 -12.49 16.69
CA ASN A 257 -25.40 -11.05 16.98
C ASN A 257 -24.61 -10.79 18.25
N ASP A 258 -24.72 -11.69 19.24
CA ASP A 258 -24.01 -11.55 20.50
C ASP A 258 -22.53 -11.89 20.37
N ILE A 259 -22.17 -12.82 19.49
CA ILE A 259 -20.76 -13.18 19.31
C ILE A 259 -20.04 -12.13 18.47
N GLN A 260 -20.72 -11.59 17.45
CA GLN A 260 -20.10 -10.55 16.60
C GLN A 260 -19.92 -9.24 17.36
N LYS A 261 -20.74 -9.00 18.40
CA LYS A 261 -20.56 -7.84 19.26
C LYS A 261 -19.52 -8.07 20.35
N LEU A 262 -19.20 -9.34 20.66
CA LEU A 262 -18.16 -9.65 21.65
C LEU A 262 -16.76 -9.57 21.05
N VAL A 263 -16.64 -9.63 19.72
CA VAL A 263 -15.36 -9.41 19.07
C VAL A 263 -15.12 -7.92 18.79
N GLY A 264 -16.19 -7.15 18.58
CA GLY A 264 -16.02 -5.71 18.46
C GLY A 264 -15.50 -5.09 19.74
N LYS A 265 -16.12 -5.43 20.88
CA LYS A 265 -15.65 -4.92 22.17
C LYS A 265 -14.21 -5.36 22.45
N LEU A 266 -13.91 -6.65 22.22
CA LEU A 266 -12.56 -7.15 22.45
C LEU A 266 -11.55 -6.52 21.49
N ASN A 267 -11.98 -6.21 20.25
CA ASN A 267 -11.10 -5.55 19.30
C ASN A 267 -10.83 -4.11 19.72
N TRP A 268 -11.88 -3.38 20.08
CA TRP A 268 -11.72 -2.03 20.58
C TRP A 268 -10.82 -2.01 21.82
N ALA A 269 -11.14 -2.87 22.79
CA ALA A 269 -10.36 -2.91 24.03
C ALA A 269 -8.95 -3.45 23.82
N SER A 270 -8.71 -4.13 22.71
CA SER A 270 -7.39 -4.71 22.44
C SER A 270 -6.34 -3.65 22.16
N GLN A 271 -6.75 -2.41 21.89
CA GLN A 271 -5.79 -1.33 21.67
C GLN A 271 -5.15 -0.81 22.96
N ILE A 272 -5.58 -1.28 24.14
CA ILE A 272 -4.89 -0.88 25.37
C ILE A 272 -4.82 -2.04 26.37
N TYR A 273 -5.78 -2.96 26.30
CA TYR A 273 -5.76 -4.12 27.19
C TYR A 273 -4.84 -5.20 26.63
N PRO A 274 -3.70 -5.47 27.29
CA PRO A 274 -2.71 -6.38 26.68
C PRO A 274 -3.24 -7.80 26.53
N GLY A 275 -2.77 -8.47 25.48
CA GLY A 275 -2.99 -9.89 25.31
C GLY A 275 -4.41 -10.34 25.05
N ILE A 276 -5.29 -9.44 24.61
CA ILE A 276 -6.64 -9.83 24.24
C ILE A 276 -6.60 -10.71 22.99
N LYS A 277 -7.42 -11.76 22.99
CA LYS A 277 -7.49 -12.70 21.87
C LYS A 277 -8.94 -12.86 21.43
N VAL A 278 -9.13 -13.17 20.15
CA VAL A 278 -10.45 -13.18 19.53
C VAL A 278 -10.56 -14.27 18.46
N ARG A 279 -9.65 -15.24 18.47
CA ARG A 279 -9.59 -16.22 17.37
C ARG A 279 -10.83 -17.11 17.35
N GLN A 280 -11.03 -17.92 18.39
CA GLN A 280 -12.14 -18.86 18.40
C GLN A 280 -13.48 -18.14 18.30
N LEU A 281 -13.62 -17.04 19.03
CA LEU A 281 -14.93 -16.35 18.99
C LEU A 281 -15.14 -15.85 17.56
N SER A 282 -14.09 -15.28 16.97
CA SER A 282 -14.20 -14.79 15.57
C SER A 282 -14.49 -15.98 14.65
N LYS A 283 -13.87 -17.12 14.94
CA LYS A 283 -14.07 -18.32 14.09
C LYS A 283 -15.53 -18.74 14.20
N LEU A 284 -16.13 -18.60 15.39
CA LEU A 284 -17.53 -19.06 15.54
C LEU A 284 -18.41 -18.28 14.56
N LEU A 285 -17.86 -17.25 13.93
CA LEU A 285 -18.63 -16.44 12.99
C LEU A 285 -18.33 -16.78 11.53
N ARG A 286 -17.48 -17.78 11.29
CA ARG A 286 -17.08 -18.16 9.94
C ARG A 286 -18.29 -18.34 9.04
N GLY A 287 -18.36 -17.53 7.98
CA GLY A 287 -19.33 -17.73 6.93
C GLY A 287 -20.76 -17.35 7.25
N LEU A 291 -27.98 -13.59 12.04
CA LEU A 291 -27.74 -12.98 13.34
C LEU A 291 -28.31 -13.79 14.51
N GLU A 293 -28.96 -16.92 14.89
CA GLU A 293 -28.53 -18.30 15.09
C GLU A 293 -27.67 -18.43 16.34
N VAL A 294 -28.13 -19.22 17.30
CA VAL A 294 -27.34 -19.46 18.50
C VAL A 294 -26.27 -20.48 18.16
N ILE A 295 -25.01 -20.12 18.38
CA ILE A 295 -23.87 -20.97 18.06
C ILE A 295 -23.28 -21.46 19.38
N PRO A 296 -22.99 -22.76 19.51
CA PRO A 296 -22.35 -23.25 20.73
C PRO A 296 -20.89 -22.82 20.80
N LEU A 297 -20.53 -22.20 21.91
CA LEU A 297 -19.12 -21.89 22.17
C LEU A 297 -18.36 -23.19 22.40
N THR A 298 -17.30 -23.41 21.63
CA THR A 298 -16.43 -24.54 21.88
C THR A 298 -15.83 -24.43 23.29
N GLU A 299 -15.17 -25.52 23.73
CA GLU A 299 -14.38 -25.43 24.95
C GLU A 299 -13.17 -24.50 24.77
N GLU A 300 -12.70 -24.35 23.53
CA GLU A 300 -11.61 -23.43 23.22
C GLU A 300 -12.06 -21.97 23.19
N ALA A 301 -13.35 -21.70 23.02
CA ALA A 301 -13.87 -20.35 23.09
C ALA A 301 -14.26 -19.93 24.51
N GLU A 302 -14.57 -20.89 25.38
CA GLU A 302 -14.90 -20.58 26.77
C GLU A 302 -13.66 -20.38 27.64
N LEU A 303 -12.53 -20.98 27.26
CA LEU A 303 -11.26 -20.71 27.93
C LEU A 303 -10.61 -19.44 27.39
N GLU A 304 -10.92 -19.06 26.14
CA GLU A 304 -10.48 -17.79 25.58
C GLU A 304 -11.35 -16.63 26.03
N LEU A 305 -12.61 -16.90 26.41
CA LEU A 305 -13.45 -15.85 26.98
C LEU A 305 -13.14 -15.64 28.46
N ALA A 306 -12.88 -16.74 29.17
CA ALA A 306 -12.46 -16.66 30.57
C ALA A 306 -11.11 -15.99 30.73
N GLU A 307 -10.30 -15.96 29.66
CA GLU A 307 -9.06 -15.20 29.67
C GLU A 307 -9.27 -13.75 29.29
N ASN A 308 -10.39 -13.43 28.63
CA ASN A 308 -10.73 -12.04 28.33
C ASN A 308 -11.33 -11.33 29.55
N ARG A 309 -12.10 -12.07 30.36
CA ARG A 309 -12.75 -11.47 31.51
C ARG A 309 -11.77 -11.16 32.63
N GLU A 310 -10.67 -11.93 32.75
CA GLU A 310 -9.65 -11.68 33.77
C GLU A 310 -8.65 -10.59 33.34
N ILE A 311 -8.40 -10.45 32.04
CA ILE A 311 -7.65 -9.30 31.55
C ILE A 311 -8.51 -8.04 31.64
N LEU A 312 -9.83 -8.18 31.60
CA LEU A 312 -10.74 -7.04 31.68
C LEU A 312 -11.20 -6.74 33.11
N LYS A 313 -10.77 -7.54 34.10
CA LYS A 313 -11.28 -7.39 35.46
C LYS A 313 -11.12 -5.96 35.98
N GLU A 314 -9.90 -5.41 35.96
CA GLU A 314 -9.78 -4.00 36.34
C GLU A 314 -9.32 -3.14 35.17
N PRO A 315 -9.25 -1.82 35.40
CA PRO A 315 -8.88 -0.90 34.33
C PRO A 315 -7.37 -0.82 34.14
N VAL A 316 -7.03 -0.46 32.93
CA VAL A 316 -5.65 -0.23 32.54
C VAL A 316 -5.61 1.13 31.87
N HIS A 317 -4.56 1.90 32.13
CA HIS A 317 -4.42 3.18 31.48
CA HIS A 317 -4.38 3.22 31.54
C HIS A 317 -3.22 3.23 30.54
N GLY A 318 -3.33 4.10 29.53
CA GLY A 318 -2.25 4.34 28.60
C GLY A 318 -1.74 5.75 28.77
N VAL A 319 -0.46 5.96 28.49
CA VAL A 319 0.20 7.25 28.62
C VAL A 319 0.18 8.01 27.30
N TYR A 320 0.47 9.30 27.35
CA TYR A 320 0.56 10.13 26.16
C TYR A 320 1.98 10.06 25.61
N TYR A 321 2.16 10.66 24.45
CA TYR A 321 3.39 10.49 23.69
C TYR A 321 4.37 11.60 24.08
N ASP A 322 5.62 11.21 24.39
CA ASP A 322 6.64 12.20 24.73
C ASP A 322 7.65 12.22 23.60
N PRO A 323 7.60 13.21 22.73
CA PRO A 323 8.49 13.19 21.55
C PRO A 323 9.96 13.16 21.91
N SER A 324 10.34 13.40 23.17
CA SER A 324 11.76 13.38 23.49
C SER A 324 12.30 11.98 23.73
N LYS A 325 11.44 10.97 23.76
CA LYS A 325 11.84 9.62 24.07
C LYS A 325 11.62 8.69 22.88
N ASP A 326 12.48 7.68 22.79
CA ASP A 326 12.32 6.62 21.82
C ASP A 326 10.95 5.95 21.95
N LEU A 327 10.48 5.37 20.85
CA LEU A 327 9.31 4.51 20.81
C LEU A 327 9.76 3.07 20.78
N ILE A 328 9.17 2.23 21.63
CA ILE A 328 9.49 0.81 21.65
C ILE A 328 8.24 0.03 21.31
N ALA A 329 8.40 -1.03 20.49
CA ALA A 329 7.32 -1.95 20.18
C ALA A 329 7.78 -3.38 20.43
N GLU A 330 6.93 -4.15 21.12
CA GLU A 330 7.27 -5.50 21.53
C GLU A 330 6.16 -6.46 21.10
N ILE A 331 6.54 -7.58 20.51
CA ILE A 331 5.59 -8.51 19.90
C ILE A 331 5.72 -9.85 20.61
N GLN A 332 4.60 -10.54 20.77
CA GLN A 332 4.63 -11.91 21.30
C GLN A 332 3.83 -12.83 20.39
N LYS A 333 4.26 -14.09 20.33
CA LYS A 333 3.51 -15.12 19.61
C LYS A 333 2.51 -15.73 20.58
N GLN A 334 1.21 -15.63 20.25
CA GLN A 334 0.19 -16.20 21.11
C GLN A 334 -0.22 -17.62 20.72
N GLY A 335 -0.04 -18.00 19.46
CA GLY A 335 -0.52 -19.31 19.03
C GLY A 335 -1.72 -19.18 18.10
N GLN A 336 -1.88 -20.17 17.23
CA GLN A 336 -3.00 -20.23 16.28
C GLN A 336 -2.97 -19.02 15.35
N GLY A 337 -1.76 -18.63 14.93
CA GLY A 337 -1.61 -17.48 14.05
C GLY A 337 -1.94 -16.14 14.67
N GLN A 338 -1.86 -16.04 16.00
CA GLN A 338 -2.24 -14.83 16.71
C GLN A 338 -0.99 -14.14 17.22
N TRP A 339 -0.96 -12.82 17.10
CA TRP A 339 0.17 -12.06 17.61
C TRP A 339 -0.38 -10.88 18.39
N THR A 340 0.36 -10.51 19.42
CA THR A 340 -0.04 -9.44 20.32
C THR A 340 1.16 -8.53 20.51
N TYR A 341 0.92 -7.22 20.57
CA TYR A 341 2.04 -6.31 20.69
C TYR A 341 1.72 -5.14 21.61
N GLN A 342 2.78 -4.54 22.15
CA GLN A 342 2.68 -3.34 22.95
C GLN A 342 3.66 -2.31 22.44
N ILE A 343 3.27 -1.04 22.51
CA ILE A 343 4.13 0.08 22.13
C ILE A 343 4.26 1.01 23.33
N TYR A 344 5.50 1.35 23.69
CA TYR A 344 5.78 2.08 24.93
C TYR A 344 7.12 2.80 24.83
N GLN A 345 7.32 3.76 25.74
CA GLN A 345 8.59 4.49 25.82
C GLN A 345 9.35 4.24 27.12
N GLU A 346 8.62 4.04 28.23
CA GLU A 346 9.19 3.65 29.51
C GLU A 346 8.60 2.31 29.93
N PRO A 347 9.42 1.42 30.49
CA PRO A 347 8.93 0.07 30.79
C PRO A 347 7.63 0.10 31.58
N PHE A 348 6.66 -0.69 31.12
CA PHE A 348 5.38 -1.01 31.74
C PHE A 348 4.33 0.09 31.56
N LYS A 349 4.68 1.25 31.02
CA LYS A 349 3.69 2.30 30.73
C LYS A 349 3.43 2.36 29.23
N ASN A 350 2.54 1.47 28.75
CA ASN A 350 2.18 1.40 27.34
C ASN A 350 1.44 2.66 26.92
N LEU A 351 1.70 3.13 25.68
CA LEU A 351 0.85 4.11 25.01
C LEU A 351 -0.32 3.47 24.29
N LYS A 352 -0.15 2.23 23.91
CA LYS A 352 -1.22 1.46 23.30
C LYS A 352 -0.72 0.03 23.13
N THR A 353 -1.64 -0.82 22.73
CA THR A 353 -1.40 -2.23 22.53
C THR A 353 -2.16 -2.60 21.28
N GLY A 354 -1.99 -3.84 20.84
CA GLY A 354 -2.73 -4.29 19.69
C GLY A 354 -2.40 -5.72 19.42
N LYS A 355 -3.00 -6.22 18.32
CA LYS A 355 -2.89 -7.63 17.96
C LYS A 355 -2.88 -7.75 16.44
N TYR A 356 -2.35 -8.87 15.97
CA TYR A 356 -2.27 -9.17 14.55
C TYR A 356 -2.72 -10.60 14.32
N ALA A 357 -3.49 -10.82 13.27
CA ALA A 357 -3.92 -12.17 12.94
C ALA A 357 -3.37 -12.61 11.59
N ARG A 358 -2.95 -13.88 11.57
CA ARG A 358 -2.53 -14.58 10.36
C ARG A 358 -3.48 -14.30 9.20
N MET A 359 -2.91 -14.02 8.03
CA MET A 359 -3.72 -13.95 6.81
C MET A 359 -4.25 -15.33 6.45
N ARG A 360 -5.44 -15.36 5.85
CA ARG A 360 -6.02 -16.63 5.43
C ARG A 360 -5.22 -17.16 4.24
N GLY A 361 -4.48 -18.26 4.48
CA GLY A 361 -3.76 -18.92 3.41
C GLY A 361 -3.82 -20.43 3.58
N ALA A 362 -3.28 -21.14 2.61
CA ALA A 362 -3.21 -22.60 2.67
C ALA A 362 -2.03 -23.11 3.47
N HIS A 363 -0.91 -22.38 3.46
CA HIS A 363 0.31 -22.75 4.16
C HIS A 363 0.96 -21.47 4.69
N THR A 364 1.74 -21.59 5.75
CA THR A 364 2.31 -20.39 6.32
C THR A 364 3.52 -20.75 7.18
N ASN A 365 4.21 -19.70 7.68
CA ASN A 365 5.21 -19.94 8.70
C ASN A 365 5.38 -18.72 9.62
N ASP A 366 5.94 -19.02 10.80
CA ASP A 366 6.00 -18.04 11.88
C ASP A 366 6.78 -16.79 11.46
N VAL A 367 7.92 -16.98 10.79
CA VAL A 367 8.75 -15.85 10.40
C VAL A 367 7.97 -14.92 9.48
N LYS A 368 7.23 -15.46 8.51
CA LYS A 368 6.46 -14.60 7.63
C LYS A 368 5.40 -13.81 8.40
N GLN A 369 4.78 -14.45 9.40
CA GLN A 369 3.74 -13.78 10.16
C GLN A 369 4.35 -12.63 10.97
N LEU A 370 5.43 -12.93 11.70
CA LEU A 370 6.16 -11.90 12.45
C LEU A 370 6.45 -10.70 11.57
N THR A 371 6.97 -10.96 10.36
CA THR A 371 7.31 -9.90 9.42
C THR A 371 6.08 -9.03 9.12
N GLU A 372 4.95 -9.66 8.84
CA GLU A 372 3.75 -8.89 8.52
C GLU A 372 3.29 -8.06 9.72
N ALA A 373 3.28 -8.65 10.92
CA ALA A 373 2.97 -7.89 12.12
C ALA A 373 3.91 -6.68 12.27
N VAL A 374 5.21 -6.88 12.07
CA VAL A 374 6.13 -5.75 12.06
C VAL A 374 5.67 -4.69 11.07
N GLN A 375 5.27 -5.12 9.85
CA GLN A 375 4.89 -4.09 8.85
C GLN A 375 3.66 -3.34 9.32
N LYS A 376 2.68 -4.04 9.88
CA LYS A 376 1.45 -3.37 10.32
C LYS A 376 1.74 -2.40 11.47
N ILE A 377 2.44 -2.87 12.51
CA ILE A 377 2.87 -1.96 13.57
C ILE A 377 3.66 -0.78 12.97
N THR A 378 4.48 -1.03 11.96
CA THR A 378 5.28 0.06 11.41
C THR A 378 4.39 1.14 10.79
N THR A 379 3.42 0.72 9.97
CA THR A 379 2.55 1.71 9.32
C THR A 379 1.68 2.41 10.34
N GLU A 380 1.12 1.65 11.29
CA GLU A 380 0.37 2.24 12.39
C GLU A 380 1.19 3.32 13.11
N SER A 381 2.49 3.06 13.34
CA SER A 381 3.29 4.05 14.05
C SER A 381 3.59 5.27 13.18
N ILE A 382 3.74 5.11 11.86
CA ILE A 382 3.93 6.31 11.05
C ILE A 382 2.70 7.21 11.17
N VAL A 383 1.51 6.61 11.05
CA VAL A 383 0.24 7.32 11.26
C VAL A 383 0.25 8.07 12.59
N ILE A 384 0.52 7.37 13.69
CA ILE A 384 0.22 7.96 15.00
C ILE A 384 1.35 8.86 15.49
N TRP A 385 2.61 8.44 15.33
CA TRP A 385 3.71 9.22 15.89
C TRP A 385 4.66 9.79 14.85
N GLY A 386 4.43 9.53 13.56
CA GLY A 386 5.35 10.04 12.57
C GLY A 386 6.69 9.34 12.52
N LYS A 387 6.81 8.15 13.12
CA LYS A 387 8.09 7.46 13.09
C LYS A 387 7.90 5.97 13.38
N THR A 388 8.88 5.20 12.93
CA THR A 388 9.04 3.78 13.20
C THR A 388 9.54 3.56 14.63
N PRO A 389 8.93 2.65 15.39
CA PRO A 389 9.46 2.33 16.72
C PRO A 389 10.61 1.37 16.58
N LYS A 390 11.39 1.26 17.65
CA LYS A 390 12.37 0.20 17.74
C LYS A 390 11.67 -1.07 18.19
N PHE A 391 12.04 -2.17 17.57
CA PHE A 391 11.38 -3.45 17.78
C PHE A 391 12.16 -4.35 18.72
N LYS A 392 11.41 -5.01 19.59
CA LYS A 392 11.89 -6.09 20.43
C LYS A 392 11.09 -7.33 20.04
N LEU A 393 11.79 -8.32 19.52
CA LEU A 393 11.19 -9.42 18.78
C LEU A 393 11.67 -10.73 19.39
N PRO A 394 10.79 -11.72 19.49
CA PRO A 394 11.19 -13.04 20.01
C PRO A 394 11.77 -13.94 18.93
N ILE A 395 12.88 -13.50 18.35
CA ILE A 395 13.53 -14.24 17.29
C ILE A 395 15.01 -13.89 17.32
N GLN A 396 15.85 -14.91 17.26
CA GLN A 396 17.30 -14.69 17.35
C GLN A 396 17.85 -14.02 16.10
N LYS A 397 18.85 -13.18 16.29
CA LYS A 397 19.49 -12.52 15.18
C LYS A 397 19.93 -13.52 14.14
N GLU A 398 20.59 -14.59 14.57
CA GLU A 398 21.00 -15.64 13.64
C GLU A 398 19.80 -16.25 12.90
N THR A 399 18.68 -16.43 13.57
CA THR A 399 17.53 -17.02 12.87
C THR A 399 17.06 -16.08 11.77
N TRP A 400 16.87 -14.81 12.10
CA TRP A 400 16.47 -13.84 11.09
C TRP A 400 17.44 -13.82 9.92
N GLU A 401 18.75 -13.85 10.21
CA GLU A 401 19.74 -13.78 9.16
C GLU A 401 19.67 -14.99 8.23
N THR A 402 19.56 -16.19 8.79
CA THR A 402 19.36 -17.35 7.95
C THR A 402 18.11 -17.21 7.08
N TRP A 403 17.00 -16.74 7.67
CA TRP A 403 15.74 -16.62 6.92
C TRP A 403 15.89 -15.72 5.70
N TRP A 404 16.25 -14.44 5.92
CA TRP A 404 16.20 -13.49 4.81
C TRP A 404 17.31 -13.72 3.79
N THR A 405 18.47 -14.27 4.19
CA THR A 405 19.49 -14.52 3.17
C THR A 405 19.11 -15.69 2.25
N GLU A 406 18.26 -16.62 2.70
CA GLU A 406 17.88 -17.76 1.87
C GLU A 406 16.48 -17.66 1.28
N TYR A 407 15.66 -16.73 1.75
CA TYR A 407 14.29 -16.65 1.27
C TYR A 407 14.26 -16.13 -0.16
N TRP A 408 13.42 -16.76 -0.99
CA TRP A 408 13.40 -16.40 -2.40
C TRP A 408 12.79 -15.02 -2.62
N GLN A 409 12.00 -14.50 -1.68
CA GLN A 409 11.52 -13.13 -1.80
C GLN A 409 12.48 -12.17 -1.10
N ALA A 410 12.37 -10.89 -1.47
CA ALA A 410 12.99 -9.81 -0.74
C ALA A 410 12.19 -9.54 0.53
N THR A 411 12.87 -9.40 1.65
CA THR A 411 12.18 -9.07 2.88
C THR A 411 13.05 -8.20 3.77
N TRP A 412 12.42 -7.52 4.73
CA TRP A 412 13.13 -6.58 5.57
C TRP A 412 12.30 -6.28 6.82
N ILE A 413 12.96 -6.18 7.96
CA ILE A 413 12.33 -5.51 9.10
C ILE A 413 13.25 -4.42 9.64
N PRO A 414 12.70 -3.29 10.09
CA PRO A 414 13.52 -2.18 10.59
C PRO A 414 14.16 -2.50 11.93
N GLU A 415 15.13 -1.65 12.29
CA GLU A 415 15.93 -1.75 13.52
C GLU A 415 15.26 -2.50 14.67
N TRP A 416 15.89 -3.55 15.17
CA TRP A 416 15.22 -4.37 16.16
C TRP A 416 16.25 -5.15 16.98
N GLU A 417 15.78 -5.64 18.13
CA GLU A 417 16.56 -6.47 19.02
C GLU A 417 15.78 -7.70 19.49
N PHE A 418 16.54 -8.77 19.72
CA PHE A 418 16.01 -10.00 20.30
C PHE A 418 15.58 -9.77 21.74
N VAL A 419 14.37 -10.22 22.08
CA VAL A 419 13.93 -10.31 23.44
C VAL A 419 13.57 -11.76 23.72
N ASN A 420 14.20 -12.35 24.73
CA ASN A 420 14.10 -13.78 24.99
C ASN A 420 12.89 -14.07 25.87
N THR A 421 11.71 -14.01 25.27
CA THR A 421 10.50 -14.33 26.01
C THR A 421 9.74 -15.38 25.21
N PRO A 422 9.85 -16.65 25.60
CA PRO A 422 9.26 -17.74 24.81
C PRO A 422 7.77 -17.51 24.62
N PRO A 423 7.16 -18.16 23.61
CA PRO A 423 7.82 -19.03 22.64
C PRO A 423 8.63 -18.24 21.59
N LEU A 424 9.83 -18.71 21.29
CA LEU A 424 10.68 -18.10 20.28
C LEU A 424 10.31 -18.59 18.89
N VAL A 425 10.22 -17.63 17.96
CA VAL A 425 10.11 -17.92 16.53
C VAL A 425 11.40 -18.56 16.02
N LYS A 426 11.26 -19.64 15.25
CA LYS A 426 12.45 -20.35 14.79
C LYS A 426 12.18 -20.95 13.41
N LEU A 427 13.26 -21.37 12.77
CA LEU A 427 13.20 -22.12 11.54
C LEU A 427 13.17 -23.59 11.91
N TRP A 428 12.19 -24.31 11.36
CA TRP A 428 11.99 -25.68 11.81
C TRP A 428 12.80 -26.68 10.99
N TYR A 429 13.12 -26.41 9.72
CA TYR A 429 14.04 -27.25 8.93
C TYR A 429 14.75 -26.39 7.89
N GLN A 430 15.82 -26.93 7.32
CA GLN A 430 16.49 -26.24 6.22
C GLN A 430 16.92 -27.28 5.20
N LEU A 431 16.51 -27.08 3.96
CA LEU A 431 16.91 -27.96 2.88
C LEU A 431 18.35 -27.71 2.50
N GLU A 432 18.96 -28.73 1.93
CA GLU A 432 20.34 -28.65 1.50
C GLU A 432 20.44 -27.90 0.18
N LYS A 433 21.59 -27.24 -0.04
CA LYS A 433 21.84 -26.62 -1.33
C LYS A 433 22.41 -27.61 -2.34
N GLU A 434 23.07 -28.65 -1.88
CA GLU A 434 23.68 -29.63 -2.77
C GLU A 434 23.26 -31.03 -2.37
N PRO A 435 23.33 -31.98 -3.31
CA PRO A 435 23.07 -33.36 -2.94
C PRO A 435 24.03 -33.83 -1.85
N ILE A 436 23.55 -34.74 -1.01
CA ILE A 436 24.27 -35.24 0.14
C ILE A 436 25.02 -36.50 -0.23
N VAL A 437 26.35 -36.48 -0.05
CA VAL A 437 27.18 -37.65 -0.28
C VAL A 437 26.88 -38.69 0.79
N GLY A 438 26.75 -39.94 0.38
CA GLY A 438 26.49 -41.02 1.31
C GLY A 438 25.04 -41.16 1.78
N ALA A 439 24.12 -40.31 1.33
CA ALA A 439 22.71 -40.42 1.66
C ALA A 439 21.94 -41.13 0.54
N GLU A 440 21.09 -42.07 0.90
CA GLU A 440 20.28 -42.80 -0.07
C GLU A 440 19.46 -41.82 -0.91
N THR A 441 19.35 -42.11 -2.20
CA THR A 441 18.62 -41.30 -3.17
C THR A 441 17.25 -41.94 -3.48
N PHE A 442 16.18 -41.25 -3.11
CA PHE A 442 14.82 -41.69 -3.29
C PHE A 442 14.19 -41.01 -4.51
N TYR A 443 13.86 -41.79 -5.53
CA TYR A 443 13.10 -41.29 -6.67
C TYR A 443 11.62 -41.56 -6.40
N VAL A 444 10.83 -40.49 -6.29
CA VAL A 444 9.45 -40.62 -5.84
C VAL A 444 8.52 -40.27 -6.99
N ASP A 445 7.33 -40.88 -6.98
CA ASP A 445 6.33 -40.51 -7.97
C ASP A 445 4.96 -40.97 -7.51
N GLY A 446 3.93 -40.31 -8.06
CA GLY A 446 2.55 -40.47 -7.63
C GLY A 446 1.63 -40.08 -8.77
N ALA A 447 0.54 -40.81 -8.95
CA ALA A 447 -0.38 -40.54 -10.03
C ALA A 447 -1.75 -41.05 -9.62
N ALA A 448 -2.78 -40.49 -10.27
CA ALA A 448 -4.15 -40.77 -9.89
C ALA A 448 -5.04 -40.74 -11.12
N ASN A 449 -6.11 -41.52 -11.08
CA ASN A 449 -7.05 -41.66 -12.19
C ASN A 449 -8.13 -40.64 -11.91
N ARG A 450 -8.25 -39.63 -12.79
CA ARG A 450 -9.17 -38.53 -12.54
C ARG A 450 -10.61 -39.01 -12.32
N GLU A 451 -10.99 -40.11 -12.97
CA GLU A 451 -12.37 -40.58 -12.88
C GLU A 451 -12.60 -41.39 -11.62
N THR A 452 -11.75 -42.38 -11.36
CA THR A 452 -11.99 -43.24 -10.23
C THR A 452 -11.48 -42.65 -8.94
N LYS A 453 -10.69 -41.58 -9.01
CA LYS A 453 -9.98 -41.03 -7.85
C LYS A 453 -9.02 -42.05 -7.23
N LEU A 454 -8.57 -43.03 -8.02
CA LEU A 454 -7.65 -44.04 -7.56
C LEU A 454 -6.27 -43.75 -8.10
N GLY A 455 -5.28 -43.90 -7.24
CA GLY A 455 -3.94 -43.62 -7.69
C GLY A 455 -2.96 -44.37 -6.85
N LYS A 456 -1.69 -44.08 -7.09
CA LYS A 456 -0.60 -44.72 -6.36
C LYS A 456 0.49 -43.71 -6.08
N ALA A 457 1.22 -43.95 -5.01
CA ALA A 457 2.36 -43.15 -4.62
C ALA A 457 3.47 -44.11 -4.22
N GLY A 458 4.72 -43.74 -4.49
CA GLY A 458 5.82 -44.58 -4.07
C GLY A 458 7.16 -44.03 -4.52
N TYR A 459 8.21 -44.82 -4.28
CA TYR A 459 9.58 -44.36 -4.61
C TYR A 459 10.46 -45.54 -5.02
N VAL A 460 11.60 -45.25 -5.65
CA VAL A 460 12.57 -46.32 -6.01
C VAL A 460 13.95 -45.76 -5.64
N THR A 461 14.76 -46.50 -4.88
CA THR A 461 16.01 -45.89 -4.44
C THR A 461 17.22 -46.57 -5.07
N ASN A 462 18.38 -45.94 -4.89
CA ASN A 462 19.61 -46.47 -5.46
C ASN A 462 20.09 -47.71 -4.73
N LYS A 463 19.60 -47.95 -3.52
CA LYS A 463 19.93 -49.21 -2.86
C LYS A 463 18.94 -50.32 -3.20
N GLY A 464 18.07 -50.11 -4.16
CA GLY A 464 17.07 -51.10 -4.50
C GLY A 464 15.85 -51.09 -3.61
N ARG A 465 15.84 -50.27 -2.54
CA ARG A 465 14.62 -50.06 -1.78
C ARG A 465 13.49 -49.60 -2.70
N GLN A 466 12.27 -50.08 -2.40
CA GLN A 466 11.13 -49.79 -3.26
C GLN A 466 9.84 -49.79 -2.46
N LYS A 467 8.88 -48.98 -2.89
CA LYS A 467 7.54 -49.08 -2.33
C LYS A 467 6.55 -48.42 -3.26
N VAL A 468 5.34 -49.00 -3.30
CA VAL A 468 4.18 -48.44 -3.99
C VAL A 468 2.97 -48.74 -3.14
N VAL A 469 2.21 -47.69 -2.84
CA VAL A 469 1.02 -47.79 -2.00
C VAL A 469 -0.18 -47.42 -2.84
N PRO A 470 -1.20 -48.27 -2.88
CA PRO A 470 -2.43 -47.95 -3.61
C PRO A 470 -3.30 -47.06 -2.73
N LEU A 471 -3.99 -46.10 -3.37
CA LEU A 471 -4.75 -45.07 -2.68
C LEU A 471 -6.14 -44.89 -3.30
N THR A 472 -7.12 -44.59 -2.46
CA THR A 472 -8.48 -44.27 -2.92
C THR A 472 -8.83 -42.84 -2.56
N ASN A 473 -9.62 -42.22 -3.44
CA ASN A 473 -10.12 -40.87 -3.27
C ASN A 473 -8.96 -39.88 -3.15
N THR A 474 -8.19 -39.79 -4.22
CA THR A 474 -7.00 -38.95 -4.23
C THR A 474 -6.92 -38.28 -5.59
N THR A 475 -5.90 -37.44 -5.74
CA THR A 475 -5.68 -36.65 -6.93
C THR A 475 -4.20 -36.73 -7.28
N ASN A 476 -3.85 -36.34 -8.50
CA ASN A 476 -2.43 -36.21 -8.82
C ASN A 476 -1.69 -35.39 -7.76
N GLN A 477 -2.24 -34.23 -7.38
CA GLN A 477 -1.52 -33.42 -6.41
C GLN A 477 -1.32 -34.17 -5.11
N LYS A 478 -2.36 -34.86 -4.63
CA LYS A 478 -2.22 -35.56 -3.35
C LYS A 478 -1.27 -36.74 -3.46
N THR A 479 -1.20 -37.42 -4.60
CA THR A 479 -0.28 -38.55 -4.67
C THR A 479 1.16 -38.06 -4.79
N GLU A 480 1.38 -36.91 -5.43
CA GLU A 480 2.74 -36.38 -5.54
C GLU A 480 3.29 -36.03 -4.17
N LEU A 481 2.44 -35.55 -3.27
CA LEU A 481 2.93 -35.26 -1.93
C LEU A 481 3.10 -36.51 -1.11
N GLN A 482 2.21 -37.49 -1.32
CA GLN A 482 2.28 -38.71 -0.55
C GLN A 482 3.58 -39.45 -0.83
N ALA A 483 3.94 -39.54 -2.11
CA ALA A 483 5.21 -40.11 -2.50
C ALA A 483 6.35 -39.49 -1.70
N ILE A 484 6.43 -38.15 -1.65
CA ILE A 484 7.49 -37.50 -0.89
C ILE A 484 7.40 -37.90 0.57
N TYR A 485 6.17 -37.87 1.11
CA TYR A 485 5.96 -38.31 2.49
C TYR A 485 6.50 -39.72 2.73
N LEU A 486 6.20 -40.67 1.82
CA LEU A 486 6.70 -42.03 2.02
C LEU A 486 8.23 -42.06 2.06
N ALA A 487 8.88 -41.41 1.09
CA ALA A 487 10.34 -41.40 1.06
C ALA A 487 10.89 -40.82 2.35
N LEU A 488 10.25 -39.78 2.87
CA LEU A 488 10.71 -39.22 4.14
C LEU A 488 10.55 -40.23 5.26
N GLN A 489 9.40 -40.95 5.29
CA GLN A 489 9.13 -41.91 6.35
C GLN A 489 10.09 -43.08 6.34
N ASP A 490 10.56 -43.50 5.19
CA ASP A 490 11.32 -44.74 5.08
C ASP A 490 12.83 -44.51 4.94
N SER A 491 13.33 -43.31 5.19
CA SER A 491 14.72 -43.01 4.93
C SER A 491 15.47 -42.75 6.24
N GLY A 492 16.79 -42.77 6.18
CA GLY A 492 17.58 -42.39 7.35
C GLY A 492 17.52 -40.89 7.63
N LEU A 493 18.43 -40.45 8.50
CA LEU A 493 18.48 -39.05 8.95
C LEU A 493 18.93 -38.09 7.85
N GLU A 494 19.55 -38.61 6.81
CA GLU A 494 20.01 -37.84 5.67
C GLU A 494 19.47 -38.50 4.42
N VAL A 495 18.98 -37.72 3.46
CA VAL A 495 18.34 -38.35 2.31
C VAL A 495 18.26 -37.37 1.16
N ASN A 496 18.45 -37.87 -0.06
CA ASN A 496 18.19 -37.13 -1.29
C ASN A 496 16.87 -37.59 -1.92
N ILE A 497 16.03 -36.64 -2.35
CA ILE A 497 14.73 -36.95 -2.92
C ILE A 497 14.57 -36.27 -4.27
N VAL A 498 14.20 -37.05 -5.27
CA VAL A 498 14.01 -36.57 -6.64
C VAL A 498 12.51 -36.65 -6.96
N THR A 499 11.93 -35.54 -7.33
CA THR A 499 10.53 -35.50 -7.72
C THR A 499 10.42 -34.74 -9.02
N ASP A 500 9.40 -35.07 -9.80
CA ASP A 500 9.06 -34.27 -10.95
C ASP A 500 7.88 -33.34 -10.67
N SER A 501 7.40 -33.28 -9.44
CA SER A 501 6.21 -32.48 -9.12
C SER A 501 6.55 -30.99 -8.91
N GLN A 502 6.32 -30.16 -9.91
CA GLN A 502 6.36 -28.70 -9.71
C GLN A 502 5.42 -28.29 -8.59
N TYR A 503 4.30 -28.99 -8.43
CA TYR A 503 3.39 -28.64 -7.36
C TYR A 503 4.07 -28.74 -6.01
N ALA A 504 4.62 -29.92 -5.69
CA ALA A 504 5.24 -30.13 -4.39
C ALA A 504 6.43 -29.19 -4.20
N LEU A 505 7.24 -29.01 -5.24
CA LEU A 505 8.34 -28.06 -5.13
C LEU A 505 7.84 -26.70 -4.67
N GLY A 506 6.83 -26.17 -5.37
CA GLY A 506 6.33 -24.85 -5.04
C GLY A 506 5.88 -24.74 -3.60
N ILE A 507 5.40 -25.85 -3.03
CA ILE A 507 4.93 -25.82 -1.65
C ILE A 507 6.10 -25.88 -0.67
N ILE A 508 7.01 -26.85 -0.85
CA ILE A 508 8.12 -26.99 0.08
C ILE A 508 9.11 -25.81 -0.02
N GLN A 509 9.35 -25.30 -1.23
CA GLN A 509 10.23 -24.15 -1.34
C GLN A 509 9.61 -22.89 -0.73
N ALA A 510 8.33 -22.93 -0.39
CA ALA A 510 7.74 -21.84 0.37
C ALA A 510 8.12 -21.91 1.85
N GLN A 511 8.63 -23.06 2.30
CA GLN A 511 9.06 -23.29 3.66
C GLN A 511 7.92 -23.04 4.65
N PRO A 512 6.82 -23.75 4.54
CA PRO A 512 5.78 -23.68 5.58
C PRO A 512 6.24 -24.40 6.83
N ASP A 513 5.74 -23.93 7.97
CA ASP A 513 5.86 -24.69 9.19
C ASP A 513 4.51 -25.17 9.72
N LYS A 514 3.42 -24.86 9.04
CA LYS A 514 2.08 -25.27 9.45
C LYS A 514 1.21 -25.21 8.21
N SER A 515 0.17 -26.04 8.17
CA SER A 515 -0.62 -26.15 6.94
C SER A 515 -2.07 -26.46 7.26
N GLU A 516 -2.92 -26.10 6.31
CA GLU A 516 -4.29 -26.60 6.30
C GLU A 516 -4.35 -28.07 5.92
N SER A 517 -3.44 -28.51 5.04
CA SER A 517 -3.39 -29.89 4.63
C SER A 517 -2.70 -30.72 5.70
N GLU A 518 -3.35 -31.79 6.17
CA GLU A 518 -2.67 -32.66 7.12
C GLU A 518 -1.56 -33.43 6.44
N LEU A 519 -1.58 -33.53 5.12
CA LEU A 519 -0.52 -34.22 4.43
C LEU A 519 0.75 -33.37 4.41
N VAL A 520 0.61 -32.06 4.12
CA VAL A 520 1.74 -31.14 4.24
C VAL A 520 2.31 -31.16 5.66
N ASN A 521 1.44 -31.15 6.68
CA ASN A 521 1.92 -31.09 8.05
C ASN A 521 2.66 -32.34 8.44
N GLN A 522 2.30 -33.47 7.85
CA GLN A 522 3.03 -34.69 8.15
C GLN A 522 4.40 -34.66 7.51
N ILE A 523 4.49 -34.10 6.31
CA ILE A 523 5.77 -33.89 5.65
C ILE A 523 6.63 -32.94 6.48
N ILE A 524 6.07 -31.78 6.86
CA ILE A 524 6.75 -30.84 7.77
C ILE A 524 7.26 -31.57 9.01
N GLU A 525 6.42 -32.40 9.61
CA GLU A 525 6.84 -33.14 10.80
C GLU A 525 7.99 -34.08 10.49
N GLN A 526 7.97 -34.72 9.32
CA GLN A 526 9.11 -35.56 8.95
C GLN A 526 10.35 -34.73 8.73
N LEU A 527 10.22 -33.59 8.07
CA LEU A 527 11.38 -32.75 7.75
C LEU A 527 12.07 -32.28 9.02
N ILE A 528 11.27 -31.94 10.04
CA ILE A 528 11.81 -31.51 11.32
C ILE A 528 12.70 -32.57 11.92
N LYS A 529 12.43 -33.84 11.63
CA LYS A 529 13.18 -34.93 12.26
C LYS A 529 14.43 -35.30 11.50
N LYS A 530 14.62 -34.82 10.28
CA LYS A 530 15.77 -35.22 9.49
C LYS A 530 16.97 -34.37 9.85
N GLU A 531 18.17 -34.90 9.63
CA GLU A 531 19.37 -34.08 9.76
C GLU A 531 19.65 -33.31 8.49
N LYS A 532 19.53 -33.96 7.33
CA LYS A 532 19.76 -33.28 6.05
C LYS A 532 18.79 -33.82 5.03
N VAL A 533 18.18 -32.90 4.25
CA VAL A 533 17.31 -33.24 3.14
C VAL A 533 17.68 -32.37 1.95
N TYR A 534 18.04 -33.01 0.85
CA TYR A 534 18.21 -32.37 -0.44
C TYR A 534 17.06 -32.82 -1.33
N LEU A 535 16.29 -31.85 -1.82
CA LEU A 535 15.12 -32.02 -2.67
C LEU A 535 15.42 -31.50 -4.06
N ALA A 536 15.39 -32.38 -5.05
CA ALA A 536 15.72 -32.05 -6.42
C ALA A 536 14.51 -32.25 -7.31
N TRP A 537 14.50 -31.56 -8.44
CA TRP A 537 13.40 -31.55 -9.35
C TRP A 537 13.93 -31.91 -10.73
N VAL A 538 13.18 -32.76 -11.43
CA VAL A 538 13.47 -33.14 -12.81
C VAL A 538 12.16 -33.03 -13.58
N PRO A 539 12.22 -32.75 -14.88
CA PRO A 539 10.99 -32.70 -15.68
C PRO A 539 10.45 -34.11 -15.91
N ALA A 540 9.12 -34.24 -15.82
CA ALA A 540 8.46 -35.53 -16.02
C ALA A 540 8.62 -36.04 -17.45
N HIS A 541 8.40 -37.35 -17.62
CA HIS A 541 8.21 -37.98 -18.93
C HIS A 541 9.39 -37.80 -19.87
N LYS A 542 10.55 -37.40 -19.36
CA LYS A 542 11.73 -37.29 -20.21
C LYS A 542 12.65 -38.48 -20.09
N GLY A 543 12.21 -39.52 -19.40
CA GLY A 543 13.03 -40.75 -19.30
C GLY A 543 14.23 -40.56 -18.41
N ILE A 544 14.11 -39.71 -17.38
CA ILE A 544 15.21 -39.55 -16.39
C ILE A 544 15.19 -40.79 -15.52
N GLY A 545 16.32 -41.49 -15.41
CA GLY A 545 16.38 -42.73 -14.62
C GLY A 545 15.68 -42.61 -13.29
N GLY A 546 15.10 -43.71 -12.81
CA GLY A 546 14.43 -43.71 -11.50
C GLY A 546 13.11 -43.00 -11.60
N ASN A 547 13.11 -41.76 -12.11
CA ASN A 547 11.83 -41.08 -12.34
C ASN A 547 11.02 -41.93 -13.31
N GLU A 548 11.67 -42.34 -14.41
CA GLU A 548 10.98 -43.21 -15.37
C GLU A 548 10.51 -44.50 -14.68
N GLN A 549 11.45 -45.25 -14.10
CA GLN A 549 11.08 -46.47 -13.37
C GLN A 549 9.87 -46.26 -12.46
N VAL A 550 9.93 -45.27 -11.56
CA VAL A 550 8.84 -45.16 -10.59
C VAL A 550 7.55 -44.62 -11.23
N ASP A 551 7.66 -43.82 -12.30
CA ASP A 551 6.45 -43.37 -12.97
C ASP A 551 5.64 -44.56 -13.49
N LYS A 552 6.33 -45.51 -14.14
CA LYS A 552 5.69 -46.73 -14.60
C LYS A 552 4.97 -47.42 -13.44
N LEU A 553 5.68 -47.62 -12.33
CA LEU A 553 5.12 -48.32 -11.16
C LEU A 553 3.90 -47.62 -10.59
N VAL A 554 3.80 -46.29 -10.69
CA VAL A 554 2.71 -45.57 -10.03
C VAL A 554 1.59 -45.16 -10.98
N SER A 555 1.83 -45.15 -12.28
CA SER A 555 0.80 -44.81 -13.25
C SER A 555 0.00 -46.02 -13.71
N ALA A 556 0.35 -47.23 -13.25
CA ALA A 556 -0.40 -48.45 -13.59
C ALA A 556 -1.82 -48.41 -13.07
N ILE B 5 2.45 31.28 -22.10
CA ILE B 5 1.73 32.39 -21.46
C ILE B 5 0.23 32.17 -21.60
N GLU B 6 -0.16 31.34 -22.56
CA GLU B 6 -1.55 30.98 -22.79
C GLU B 6 -1.68 29.47 -22.66
N THR B 7 -2.65 29.01 -21.87
CA THR B 7 -2.68 27.61 -21.44
C THR B 7 -3.21 26.70 -22.54
N VAL B 8 -2.75 25.46 -22.52
CA VAL B 8 -3.17 24.44 -23.48
C VAL B 8 -4.39 23.73 -22.91
N PRO B 9 -5.51 23.67 -23.65
CA PRO B 9 -6.72 23.03 -23.12
C PRO B 9 -6.47 21.53 -22.91
N VAL B 10 -6.75 21.06 -21.70
CA VAL B 10 -6.57 19.66 -21.36
C VAL B 10 -7.84 19.16 -20.69
N LYS B 11 -8.17 17.90 -20.92
CA LYS B 11 -9.33 17.29 -20.30
C LYS B 11 -9.09 15.79 -20.18
N LEU B 12 -9.76 15.19 -19.19
CA LEU B 12 -9.63 13.78 -18.92
C LEU B 12 -10.27 12.99 -20.06
N LYS B 13 -10.26 11.67 -19.92
CA LYS B 13 -10.90 10.82 -20.91
C LYS B 13 -12.41 10.94 -20.76
N PRO B 14 -13.15 10.56 -21.79
CA PRO B 14 -14.62 10.62 -21.72
C PRO B 14 -15.16 9.68 -20.65
N GLY B 15 -16.00 10.22 -19.77
CA GLY B 15 -16.65 9.42 -18.75
C GLY B 15 -15.77 8.99 -17.60
N MET B 16 -14.65 9.68 -17.36
CA MET B 16 -13.72 9.34 -16.28
C MET B 16 -13.61 10.53 -15.35
N ASP B 17 -13.83 10.29 -14.05
CA ASP B 17 -13.69 11.39 -13.12
C ASP B 17 -12.22 11.60 -12.75
N GLY B 18 -11.94 12.73 -12.12
CA GLY B 18 -10.63 13.00 -11.58
C GLY B 18 -10.26 11.98 -10.52
N PRO B 19 -8.99 11.98 -10.12
CA PRO B 19 -8.52 10.97 -9.16
C PRO B 19 -8.91 11.30 -7.74
N LYS B 20 -9.24 10.26 -6.99
CA LYS B 20 -9.67 10.38 -5.62
C LYS B 20 -8.87 9.35 -4.81
N VAL B 21 -7.56 9.59 -4.65
CA VAL B 21 -6.62 8.64 -4.09
C VAL B 21 -6.19 9.11 -2.71
N LYS B 22 -6.39 8.27 -1.70
CA LYS B 22 -6.07 8.64 -0.33
C LYS B 22 -4.57 8.88 -0.14
N GLN B 23 -4.24 9.88 0.67
CA GLN B 23 -2.87 10.12 1.07
C GLN B 23 -2.40 9.01 2.01
N TRP B 24 -1.17 8.58 1.84
CA TRP B 24 -0.67 7.53 2.70
C TRP B 24 0.26 8.10 3.78
N PRO B 25 0.49 7.36 4.85
CA PRO B 25 1.22 7.92 5.99
C PRO B 25 2.60 8.43 5.61
N LEU B 26 2.98 9.59 6.17
CA LEU B 26 4.29 10.18 5.98
C LEU B 26 4.97 10.36 7.34
N THR B 27 6.28 10.19 7.35
CA THR B 27 7.05 10.44 8.56
C THR B 27 7.16 11.94 8.82
N GLU B 28 7.43 12.26 10.09
CA GLU B 28 7.57 13.65 10.51
C GLU B 28 8.53 14.44 9.63
N GLU B 29 9.67 13.84 9.27
CA GLU B 29 10.66 14.60 8.51
C GLU B 29 10.17 14.86 7.10
N LYS B 30 9.43 13.93 6.50
CA LYS B 30 8.90 14.17 5.18
C LYS B 30 7.76 15.18 5.23
N ILE B 31 6.99 15.18 6.31
CA ILE B 31 5.96 16.21 6.49
C ILE B 31 6.59 17.59 6.58
N LYS B 32 7.70 17.70 7.31
CA LYS B 32 8.33 18.99 7.52
C LYS B 32 8.93 19.54 6.22
N ALA B 33 9.64 18.69 5.47
CA ALA B 33 10.17 19.07 4.17
C ALA B 33 9.08 19.57 3.23
N LEU B 34 7.93 18.89 3.22
CA LEU B 34 6.84 19.27 2.33
C LEU B 34 6.19 20.58 2.78
N VAL B 35 6.11 20.82 4.08
CA VAL B 35 5.56 22.10 4.51
C VAL B 35 6.45 23.23 4.01
N GLU B 36 7.76 23.14 4.26
CA GLU B 36 8.65 24.18 3.78
C GLU B 36 8.55 24.33 2.26
N ILE B 37 8.57 23.22 1.54
CA ILE B 37 8.60 23.32 0.09
C ILE B 37 7.31 23.92 -0.44
N CYS B 38 6.17 23.44 0.07
CA CYS B 38 4.89 23.93 -0.43
C CYS B 38 4.63 25.39 -0.02
N THR B 39 5.10 25.81 1.15
CA THR B 39 5.00 27.23 1.47
C THR B 39 5.63 28.08 0.39
N GLU B 40 6.86 27.73 -0.03
CA GLU B 40 7.53 28.56 -1.04
C GLU B 40 6.83 28.46 -2.40
N MET B 41 6.37 27.27 -2.80
CA MET B 41 5.67 27.16 -4.07
C MET B 41 4.40 28.01 -4.09
N GLU B 42 3.71 28.12 -2.94
CA GLU B 42 2.55 28.99 -2.84
C GLU B 42 2.94 30.46 -2.96
N LYS B 43 3.96 30.86 -2.18
CA LYS B 43 4.54 32.21 -2.34
C LYS B 43 4.93 32.50 -3.78
N GLU B 44 5.42 31.51 -4.52
CA GLU B 44 5.80 31.70 -5.92
C GLU B 44 4.64 31.43 -6.89
N GLY B 45 3.43 31.21 -6.39
CA GLY B 45 2.26 31.03 -7.24
C GLY B 45 2.15 29.71 -7.99
N LYS B 46 3.07 28.76 -7.76
CA LYS B 46 2.96 27.49 -8.47
C LYS B 46 1.78 26.65 -7.98
N ILE B 47 1.32 26.90 -6.76
CA ILE B 47 0.21 26.19 -6.14
C ILE B 47 -0.57 27.16 -5.26
N SER B 48 -1.80 26.76 -4.92
CA SER B 48 -2.74 27.58 -4.18
C SER B 48 -3.61 26.69 -3.30
N LYS B 49 -3.90 27.17 -2.11
CA LYS B 49 -4.78 26.40 -1.24
C LYS B 49 -6.15 26.25 -1.88
N ILE B 50 -6.87 25.23 -1.44
CA ILE B 50 -8.18 24.90 -1.99
C ILE B 50 -9.10 24.51 -0.86
N GLY B 51 -10.40 24.46 -1.15
CA GLY B 51 -11.39 24.19 -0.14
C GLY B 51 -12.02 22.84 -0.31
N PRO B 52 -12.95 22.52 0.60
CA PRO B 52 -13.64 21.22 0.56
C PRO B 52 -14.46 20.96 -0.71
N GLU B 53 -14.75 21.99 -1.51
CA GLU B 53 -15.48 21.74 -2.75
C GLU B 53 -14.68 20.91 -3.75
N ASN B 54 -13.34 20.84 -3.60
CA ASN B 54 -12.51 20.00 -4.46
C ASN B 54 -12.45 18.60 -3.84
N PRO B 55 -12.99 17.57 -4.49
CA PRO B 55 -13.01 16.24 -3.87
C PRO B 55 -11.85 15.34 -4.28
N TYR B 56 -11.10 15.73 -5.30
CA TYR B 56 -10.06 14.88 -5.85
C TYR B 56 -8.81 14.91 -4.98
N ASN B 57 -8.04 13.86 -5.10
CA ASN B 57 -6.78 13.85 -4.38
C ASN B 57 -5.82 12.88 -5.05
N THR B 58 -4.54 13.23 -4.95
CA THR B 58 -3.39 12.47 -5.39
C THR B 58 -2.37 12.43 -4.26
N PRO B 59 -1.76 11.27 -4.00
CA PRO B 59 -0.74 11.19 -2.94
C PRO B 59 0.47 12.05 -3.27
N VAL B 60 1.19 12.47 -2.21
CA VAL B 60 2.45 13.19 -2.34
C VAL B 60 3.43 12.65 -1.30
N PHE B 61 4.72 12.75 -1.60
CA PHE B 61 5.72 12.48 -0.57
C PHE B 61 7.02 13.19 -0.91
N ALA B 62 8.12 12.73 -0.31
CA ALA B 62 9.38 13.47 -0.38
C ALA B 62 10.54 12.50 -0.57
N ILE B 63 11.40 12.77 -1.55
CA ILE B 63 12.57 11.92 -1.78
C ILE B 63 13.84 12.74 -1.65
N LYS B 64 14.97 12.09 -1.87
CA LYS B 64 16.26 12.75 -2.02
C LYS B 64 16.89 12.16 -3.27
N LYS B 65 17.14 13.01 -4.26
CA LYS B 65 17.81 12.54 -5.45
C LYS B 65 19.22 12.07 -5.11
N LYS B 66 19.82 11.33 -6.05
CA LYS B 66 21.08 10.64 -5.82
C LYS B 66 22.23 11.65 -5.79
N ASP B 67 22.95 11.70 -4.66
CA ASP B 67 24.13 12.54 -4.43
C ASP B 67 23.76 13.96 -4.03
N SER B 68 22.49 14.20 -3.67
CA SER B 68 22.07 15.47 -3.09
C SER B 68 21.45 15.20 -1.72
N THR B 69 21.33 16.27 -0.95
CA THR B 69 20.79 16.18 0.41
C THR B 69 19.49 16.97 0.60
N LYS B 70 18.98 17.59 -0.45
CA LYS B 70 17.80 18.44 -0.35
C LYS B 70 16.55 17.65 -0.75
N TRP B 71 15.49 17.79 0.04
CA TRP B 71 14.27 17.06 -0.20
C TRP B 71 13.59 17.54 -1.48
N ARG B 72 12.98 16.60 -2.21
CA ARG B 72 12.28 16.92 -3.43
C ARG B 72 10.84 16.44 -3.31
N LYS B 73 9.92 17.23 -3.82
CA LYS B 73 8.51 16.89 -3.78
C LYS B 73 8.21 15.97 -4.95
N LEU B 74 7.63 14.81 -4.65
CA LEU B 74 7.21 13.86 -5.67
C LEU B 74 5.73 13.62 -5.51
N VAL B 75 4.96 13.89 -6.56
CA VAL B 75 3.53 13.60 -6.57
C VAL B 75 3.33 12.31 -7.35
N ASP B 76 2.61 11.35 -6.77
CA ASP B 76 2.36 10.10 -7.46
C ASP B 76 1.14 10.29 -8.35
N PHE B 77 1.39 10.81 -9.55
CA PHE B 77 0.36 11.04 -10.54
C PHE B 77 -0.04 9.80 -11.33
N ARG B 78 0.31 8.61 -10.87
CA ARG B 78 -0.01 7.42 -11.66
C ARG B 78 -1.50 7.33 -11.99
N GLU B 79 -2.38 7.72 -11.08
CA GLU B 79 -3.79 7.63 -11.41
C GLU B 79 -4.21 8.73 -12.38
N LEU B 80 -3.77 9.96 -12.12
CA LEU B 80 -4.12 11.05 -13.03
C LEU B 80 -3.60 10.77 -14.44
N ASN B 81 -2.42 10.13 -14.54
CA ASN B 81 -1.85 9.90 -15.86
C ASN B 81 -2.69 8.91 -16.67
N LYS B 82 -3.15 7.83 -16.03
CA LYS B 82 -4.10 6.90 -16.66
C LYS B 82 -5.34 7.64 -17.16
N ARG B 83 -5.86 8.58 -16.38
CA ARG B 83 -7.09 9.28 -16.71
C ARG B 83 -6.86 10.49 -17.61
N THR B 84 -5.61 10.91 -17.79
CA THR B 84 -5.31 12.05 -18.63
C THR B 84 -5.35 11.63 -20.09
N GLN B 85 -6.25 12.25 -20.86
CA GLN B 85 -6.37 11.98 -22.29
C GLN B 85 -5.00 11.81 -22.95
N ASP B 86 -4.95 11.09 -24.05
CA ASP B 86 -3.70 10.98 -24.77
C ASP B 86 -3.46 12.25 -25.57
N PHE B 87 -2.19 12.58 -25.74
CA PHE B 87 -1.77 13.92 -26.15
C PHE B 87 -1.04 13.87 -27.51
N TRP B 88 -1.78 14.19 -28.56
CA TRP B 88 -1.24 14.16 -29.91
C TRP B 88 -1.63 15.45 -30.65
N ILE B 94 6.40 12.47 -27.62
CA ILE B 94 7.68 12.42 -28.32
C ILE B 94 7.92 11.01 -28.87
N PRO B 95 8.37 10.95 -30.13
CA PRO B 95 8.79 9.66 -30.70
C PRO B 95 10.04 9.16 -30.00
N HIS B 96 10.39 7.91 -30.26
CA HIS B 96 11.54 7.35 -29.56
C HIS B 96 12.74 7.19 -30.48
N PRO B 97 13.86 7.83 -30.17
CA PRO B 97 15.07 7.66 -30.98
C PRO B 97 15.81 6.34 -30.74
N ALA B 98 15.59 5.36 -31.62
CA ALA B 98 16.32 4.09 -31.55
C ALA B 98 17.83 4.27 -31.49
N GLY B 99 18.36 5.46 -31.76
CA GLY B 99 19.79 5.62 -31.64
C GLY B 99 20.25 5.96 -30.25
N LEU B 100 19.32 6.36 -29.37
CA LEU B 100 19.71 6.75 -28.02
C LEU B 100 20.40 5.61 -27.28
N LYS B 101 19.90 4.38 -27.45
CA LYS B 101 20.40 3.19 -26.78
C LYS B 101 21.77 2.75 -27.27
N LYS B 102 22.30 3.33 -28.34
CA LYS B 102 23.56 2.90 -28.94
C LYS B 102 24.73 3.82 -28.63
N LYS B 103 24.49 5.00 -28.07
CA LYS B 103 25.56 5.92 -27.73
C LYS B 103 26.48 5.34 -26.66
N LYS B 104 27.78 5.51 -26.89
CA LYS B 104 28.78 5.15 -25.88
C LYS B 104 28.35 5.61 -24.48
N SER B 105 27.69 6.75 -24.38
CA SER B 105 27.30 7.27 -23.08
C SER B 105 26.02 8.10 -23.19
N VAL B 106 25.36 8.29 -22.05
CA VAL B 106 24.12 9.03 -21.92
C VAL B 106 24.04 9.64 -20.52
N THR B 107 23.88 10.95 -20.45
CA THR B 107 23.66 11.62 -19.17
C THR B 107 22.19 12.00 -19.06
N VAL B 108 21.69 11.98 -17.82
CA VAL B 108 20.26 12.17 -17.54
C VAL B 108 20.12 13.43 -16.69
N LEU B 109 19.31 14.38 -17.16
CA LEU B 109 19.21 15.70 -16.57
C LEU B 109 17.80 15.96 -16.07
N ASP B 110 17.70 16.39 -14.81
CA ASP B 110 16.41 16.76 -14.22
C ASP B 110 16.04 18.15 -14.72
N VAL B 111 15.14 18.21 -15.70
CA VAL B 111 14.65 19.47 -16.23
C VAL B 111 13.22 19.75 -15.81
N GLY B 112 12.70 18.99 -14.84
CA GLY B 112 11.33 19.17 -14.40
C GLY B 112 11.03 20.56 -13.90
N ASP B 113 12.07 21.33 -13.54
CA ASP B 113 11.88 22.68 -13.04
C ASP B 113 11.44 23.66 -14.13
N ALA B 114 11.77 23.38 -15.39
CA ALA B 114 11.30 24.24 -16.47
C ALA B 114 9.77 24.31 -16.53
N TYR B 115 9.10 23.26 -16.06
CA TYR B 115 7.64 23.22 -16.22
C TYR B 115 6.94 24.33 -15.42
N PHE B 116 7.51 24.73 -14.28
CA PHE B 116 6.81 25.62 -13.37
C PHE B 116 6.57 27.01 -13.95
N SER B 117 7.09 27.28 -15.15
CA SER B 117 6.97 28.57 -15.80
C SER B 117 5.77 28.66 -16.75
N VAL B 118 4.98 27.59 -16.88
CA VAL B 118 3.89 27.52 -17.84
C VAL B 118 2.58 27.38 -17.06
N PRO B 119 1.60 28.25 -17.28
CA PRO B 119 0.34 28.11 -16.54
C PRO B 119 -0.34 26.81 -16.91
N LEU B 120 -1.27 26.39 -16.06
CA LEU B 120 -2.06 25.20 -16.33
C LEU B 120 -3.51 25.62 -16.64
N ASP B 121 -4.07 24.99 -17.67
CA ASP B 121 -5.47 25.13 -18.00
C ASP B 121 -6.29 25.26 -16.72
N GLU B 122 -6.82 26.46 -16.48
CA GLU B 122 -7.54 26.75 -15.25
C GLU B 122 -8.56 25.68 -14.91
N ASP B 123 -9.19 25.09 -15.92
CA ASP B 123 -10.25 24.12 -15.65
C ASP B 123 -9.72 22.77 -15.21
N PHE B 124 -8.47 22.46 -15.55
CA PHE B 124 -7.89 21.17 -15.18
C PHE B 124 -7.29 21.16 -13.78
N ARG B 125 -7.04 22.35 -13.21
CA ARG B 125 -6.25 22.48 -11.99
C ARG B 125 -6.79 21.62 -10.85
N LYS B 126 -8.10 21.71 -10.59
CA LYS B 126 -8.75 20.98 -9.52
C LYS B 126 -8.32 19.52 -9.49
N TYR B 127 -7.96 18.97 -10.65
CA TYR B 127 -7.52 17.59 -10.71
C TYR B 127 -6.11 17.37 -10.13
N THR B 128 -5.25 18.40 -10.02
CA THR B 128 -3.93 18.19 -9.42
C THR B 128 -3.94 18.29 -7.89
N ALA B 129 -5.04 17.87 -7.24
CA ALA B 129 -5.22 18.13 -5.81
C ALA B 129 -4.35 17.22 -4.94
N PHE B 130 -3.71 17.80 -3.93
CA PHE B 130 -2.91 16.98 -3.02
C PHE B 130 -2.96 17.54 -1.60
N THR B 131 -2.74 16.63 -0.65
CA THR B 131 -2.81 16.92 0.77
C THR B 131 -1.46 16.69 1.42
N ILE B 132 -1.01 17.65 2.21
CA ILE B 132 0.07 17.37 3.15
C ILE B 132 -0.60 16.90 4.43
N PRO B 133 -0.39 15.66 4.84
CA PRO B 133 -1.01 15.16 6.07
C PRO B 133 -0.31 15.75 7.29
N SER B 134 -0.93 15.55 8.44
CA SER B 134 -0.31 15.85 9.72
C SER B 134 -0.21 14.58 10.55
N ILE B 135 0.77 14.57 11.44
CA ILE B 135 0.96 13.41 12.30
C ILE B 135 -0.32 13.18 13.11
N ASN B 136 -0.74 11.92 13.18
CA ASN B 136 -1.89 11.53 13.98
C ASN B 136 -3.14 12.32 13.61
N ASN B 137 -3.12 12.99 12.45
CA ASN B 137 -4.26 13.79 11.97
C ASN B 137 -4.75 14.78 13.01
N GLU B 138 -3.82 15.48 13.67
CA GLU B 138 -4.21 16.38 14.74
C GLU B 138 -4.59 17.78 14.23
N THR B 139 -4.28 18.09 12.98
CA THR B 139 -4.67 19.30 12.29
C THR B 139 -5.15 18.87 10.91
N PRO B 140 -6.01 19.67 10.28
CA PRO B 140 -6.47 19.31 8.94
C PRO B 140 -5.30 19.26 7.97
N GLY B 141 -5.37 18.32 7.04
CA GLY B 141 -4.40 18.28 5.96
C GLY B 141 -4.37 19.58 5.16
N ILE B 142 -3.18 20.13 4.96
CA ILE B 142 -3.05 21.26 4.05
C ILE B 142 -3.32 20.78 2.64
N ARG B 143 -4.28 21.41 1.97
CA ARG B 143 -4.69 21.01 0.64
C ARG B 143 -4.26 22.07 -0.37
N TYR B 144 -3.74 21.64 -1.49
CA TYR B 144 -3.36 22.55 -2.55
C TYR B 144 -3.78 21.96 -3.87
N GLN B 145 -3.72 22.80 -4.91
CA GLN B 145 -3.79 22.35 -6.29
C GLN B 145 -2.76 23.14 -7.09
N TYR B 146 -2.52 22.67 -8.33
CA TYR B 146 -1.48 23.26 -9.18
C TYR B 146 -2.05 24.34 -10.10
N ASN B 147 -1.27 25.44 -10.23
CA ASN B 147 -1.53 26.50 -11.21
C ASN B 147 -0.66 26.38 -12.45
N VAL B 148 0.47 25.69 -12.34
CA VAL B 148 1.44 25.53 -13.41
C VAL B 148 1.54 24.04 -13.73
N LEU B 149 2.26 23.72 -14.81
CA LEU B 149 2.48 22.32 -15.15
C LEU B 149 3.21 21.61 -13.99
N PRO B 150 2.67 20.50 -13.47
CA PRO B 150 3.31 19.83 -12.33
C PRO B 150 4.27 18.71 -12.74
N GLN B 151 5.33 18.57 -11.96
CA GLN B 151 6.27 17.50 -12.22
C GLN B 151 5.59 16.16 -12.04
N GLY B 152 5.89 15.23 -12.94
CA GLY B 152 5.34 13.90 -12.89
C GLY B 152 4.05 13.72 -13.66
N TRP B 153 3.39 14.79 -14.07
CA TRP B 153 2.19 14.64 -14.87
C TRP B 153 2.57 14.36 -16.31
N LYS B 154 1.90 13.38 -16.93
CA LYS B 154 2.22 13.00 -18.31
C LYS B 154 1.94 14.13 -19.28
N GLY B 155 1.10 15.09 -18.90
CA GLY B 155 0.86 16.24 -19.75
C GLY B 155 2.02 17.21 -19.79
N SER B 156 2.70 17.39 -18.66
CA SER B 156 3.74 18.42 -18.57
C SER B 156 4.81 18.33 -19.65
N PRO B 157 5.32 17.16 -20.02
CA PRO B 157 6.24 17.12 -21.16
C PRO B 157 5.52 17.36 -22.49
N ALA B 158 4.38 16.68 -22.67
CA ALA B 158 3.60 16.83 -23.90
C ALA B 158 3.25 18.29 -24.18
N ILE B 159 3.00 19.08 -23.13
CA ILE B 159 2.68 20.49 -23.33
C ILE B 159 3.94 21.30 -23.58
N PHE B 160 4.94 21.14 -22.73
CA PHE B 160 6.17 21.91 -22.85
C PHE B 160 6.96 21.57 -24.10
N GLN B 161 6.51 20.56 -24.87
CA GLN B 161 7.30 20.02 -25.97
C GLN B 161 7.63 21.06 -27.03
N SER B 162 6.75 22.04 -27.23
CA SER B 162 7.03 23.12 -28.18
C SER B 162 8.12 24.06 -27.64
N SER B 163 8.02 24.44 -26.36
CA SER B 163 9.00 25.35 -25.78
C SER B 163 10.39 24.72 -25.68
N MET B 164 10.45 23.40 -25.51
CA MET B 164 11.72 22.72 -25.28
C MET B 164 12.48 22.54 -26.59
N THR B 165 11.77 22.25 -27.68
CA THR B 165 12.41 22.18 -29.00
C THR B 165 13.15 23.46 -29.30
N LYS B 166 12.52 24.61 -29.05
CA LYS B 166 13.17 25.89 -29.30
C LYS B 166 14.43 26.04 -28.43
N ILE B 167 14.30 25.80 -27.12
CA ILE B 167 15.44 25.99 -26.22
C ILE B 167 16.64 25.18 -26.64
N LEU B 168 16.45 24.15 -27.48
CA LEU B 168 17.49 23.20 -27.81
C LEU B 168 18.06 23.36 -29.21
N GLU B 169 17.28 23.88 -30.16
CA GLU B 169 17.67 24.01 -31.56
C GLU B 169 19.09 24.56 -31.69
N PRO B 170 19.45 25.60 -30.94
CA PRO B 170 20.85 26.09 -31.01
C PRO B 170 21.87 25.01 -30.74
N PHE B 171 21.69 24.27 -29.65
CA PHE B 171 22.65 23.24 -29.27
C PHE B 171 22.58 22.04 -30.22
N LYS B 172 21.37 21.65 -30.61
CA LYS B 172 21.22 20.54 -31.56
C LYS B 172 21.87 20.86 -32.88
N LYS B 173 21.55 22.03 -33.44
CA LYS B 173 22.17 22.47 -34.70
C LYS B 173 23.68 22.58 -34.57
N GLN B 174 24.19 22.79 -33.36
CA GLN B 174 25.63 22.90 -33.13
C GLN B 174 26.32 21.55 -32.93
N ASN B 175 25.57 20.51 -32.55
CA ASN B 175 26.14 19.19 -32.27
C ASN B 175 25.24 18.12 -32.87
N PRO B 176 25.28 17.96 -34.20
CA PRO B 176 24.35 17.02 -34.86
C PRO B 176 24.62 15.55 -34.55
N ASP B 177 25.64 15.23 -33.75
CA ASP B 177 25.89 13.84 -33.38
C ASP B 177 25.25 13.46 -32.06
N ILE B 178 24.90 14.45 -31.22
CA ILE B 178 24.25 14.18 -29.96
C ILE B 178 22.79 13.81 -30.18
N VAL B 179 22.33 12.79 -29.46
CA VAL B 179 20.92 12.44 -29.40
C VAL B 179 20.33 13.00 -28.11
N ILE B 180 19.11 13.50 -28.20
CA ILE B 180 18.46 14.16 -27.06
C ILE B 180 17.01 13.68 -27.01
N TYR B 181 16.61 13.11 -25.87
CA TYR B 181 15.28 12.58 -25.66
C TYR B 181 14.78 13.00 -24.29
N GLN B 182 13.46 13.02 -24.15
CA GLN B 182 12.78 13.57 -22.98
C GLN B 182 11.70 12.61 -22.54
N TYR B 183 11.76 12.21 -21.27
CA TYR B 183 10.75 11.35 -20.66
C TYR B 183 10.47 11.90 -19.27
N MET B 184 9.20 12.26 -19.02
CA MET B 184 8.75 12.88 -17.77
C MET B 184 9.57 14.14 -17.55
N ASP B 185 10.19 14.34 -16.39
CA ASP B 185 11.01 15.49 -16.08
C ASP B 185 12.48 15.24 -16.44
N ASP B 186 12.75 14.25 -17.29
CA ASP B 186 14.12 13.86 -17.59
C ASP B 186 14.50 14.16 -19.04
N LEU B 187 15.68 14.72 -19.22
CA LEU B 187 16.32 14.86 -20.52
C LEU B 187 17.47 13.86 -20.60
N TYR B 188 17.48 13.05 -21.63
CA TYR B 188 18.52 12.03 -21.82
C TYR B 188 19.41 12.46 -22.99
N VAL B 189 20.66 12.79 -22.70
CA VAL B 189 21.58 13.37 -23.67
C VAL B 189 22.68 12.35 -23.95
N GLY B 190 22.59 11.73 -25.13
CA GLY B 190 23.56 10.68 -25.49
C GLY B 190 24.70 11.21 -26.33
N SER B 191 25.87 10.60 -26.19
CA SER B 191 27.08 11.05 -26.92
C SER B 191 27.92 9.86 -27.35
N ASP B 192 28.98 10.12 -28.12
CA ASP B 192 29.91 9.02 -28.48
C ASP B 192 31.33 9.56 -28.29
N LEU B 193 31.49 10.55 -27.39
CA LEU B 193 32.80 11.20 -27.21
C LEU B 193 33.52 10.63 -25.99
N GLU B 194 34.40 11.42 -25.36
CA GLU B 194 35.06 10.94 -24.17
C GLU B 194 34.54 11.73 -22.97
N ILE B 195 34.45 11.07 -21.82
CA ILE B 195 33.63 11.59 -20.71
C ILE B 195 33.92 13.06 -20.44
N GLY B 196 35.19 13.47 -20.55
CA GLY B 196 35.54 14.86 -20.30
C GLY B 196 34.88 15.80 -21.29
N GLN B 197 35.00 15.51 -22.59
CA GLN B 197 34.26 16.26 -23.59
C GLN B 197 32.77 16.16 -23.33
N HIS B 198 32.30 14.95 -23.03
CA HIS B 198 30.95 14.70 -22.56
C HIS B 198 30.52 15.69 -21.48
N ARG B 199 31.18 15.63 -20.33
CA ARG B 199 30.76 16.43 -19.19
C ARG B 199 30.60 17.90 -19.55
N THR B 200 31.53 18.44 -20.34
CA THR B 200 31.45 19.85 -20.68
C THR B 200 30.20 20.15 -21.51
N LYS B 201 30.02 19.43 -22.61
CA LYS B 201 28.82 19.62 -23.44
C LYS B 201 27.56 19.53 -22.59
N ILE B 202 27.57 18.68 -21.56
CA ILE B 202 26.47 18.65 -20.61
C ILE B 202 26.41 19.97 -19.85
N GLU B 203 27.55 20.41 -19.32
CA GLU B 203 27.61 21.73 -18.72
C GLU B 203 27.14 22.79 -19.71
N GLU B 204 27.55 22.67 -20.98
CA GLU B 204 27.02 23.53 -22.03
C GLU B 204 25.50 23.54 -22.00
N LEU B 205 24.90 22.35 -21.98
CA LEU B 205 23.45 22.23 -22.12
C LEU B 205 22.71 22.75 -20.90
N ARG B 206 23.38 22.87 -19.75
CA ARG B 206 22.73 23.51 -18.60
C ARG B 206 22.63 25.01 -18.78
N GLN B 207 23.48 25.60 -19.61
CA GLN B 207 23.50 27.05 -19.74
C GLN B 207 22.31 27.56 -20.53
N HIS B 208 21.96 26.88 -21.63
CA HIS B 208 20.73 27.21 -22.33
C HIS B 208 19.56 27.30 -21.34
N LEU B 209 19.45 26.32 -20.44
CA LEU B 209 18.31 26.23 -19.54
C LEU B 209 18.39 27.29 -18.45
N LEU B 210 19.58 27.53 -17.89
CA LEU B 210 19.75 28.68 -17.01
C LEU B 210 19.61 29.98 -17.79
N ARG B 211 20.16 30.03 -19.01
CA ARG B 211 20.00 31.22 -19.85
C ARG B 211 18.54 31.45 -20.19
N TRP B 212 17.85 30.41 -20.65
CA TRP B 212 16.40 30.49 -20.74
C TRP B 212 15.75 30.63 -19.37
N GLY B 213 16.41 30.13 -18.32
CA GLY B 213 15.86 30.15 -16.98
C GLY B 213 15.66 31.55 -16.42
N LEU B 228 18.89 21.00 -11.15
CA LEU B 228 19.32 21.22 -12.54
C LEU B 228 20.83 21.17 -12.70
N TRP B 229 21.58 20.94 -11.62
CA TRP B 229 23.03 20.80 -11.67
C TRP B 229 23.49 19.34 -11.62
N MET B 230 22.57 18.39 -11.46
CA MET B 230 22.92 16.98 -11.31
C MET B 230 22.93 16.27 -12.65
N GLY B 231 23.84 15.31 -12.78
CA GLY B 231 23.96 14.49 -13.97
C GLY B 231 24.23 13.03 -13.67
N TYR B 232 23.39 12.15 -14.25
CA TYR B 232 23.44 10.72 -14.01
C TYR B 232 24.06 10.02 -15.21
N GLU B 233 25.11 9.23 -14.98
CA GLU B 233 25.85 8.57 -16.04
C GLU B 233 25.14 7.27 -16.46
N LEU B 234 25.53 6.71 -17.61
CA LEU B 234 24.74 5.61 -18.17
C LEU B 234 25.23 5.17 -19.55
N HIS B 235 25.76 3.95 -19.67
CA HIS B 235 26.26 3.43 -20.94
C HIS B 235 25.56 2.12 -21.28
N PRO B 236 25.35 1.84 -22.56
CA PRO B 236 24.66 0.60 -22.93
C PRO B 236 25.40 -0.61 -22.39
N ASP B 237 24.67 -1.72 -22.29
CA ASP B 237 25.25 -2.98 -21.87
C ASP B 237 26.08 -3.56 -23.02
N LYS B 238 25.87 -4.84 -23.31
CA LYS B 238 26.65 -5.52 -24.34
C LYS B 238 25.77 -6.51 -25.11
N TRP B 239 25.09 -7.40 -24.38
CA TRP B 239 24.32 -8.46 -25.00
C TRP B 239 22.85 -8.13 -25.20
N THR B 240 22.32 -7.17 -24.45
CA THR B 240 20.88 -6.95 -24.45
C THR B 240 20.15 -8.15 -23.88
N VAL B 241 20.15 -9.28 -24.60
CA VAL B 241 19.61 -10.54 -24.09
C VAL B 241 20.81 -11.44 -23.78
N GLN B 242 21.13 -11.57 -22.49
CA GLN B 242 22.25 -12.41 -22.08
C GLN B 242 22.05 -13.83 -22.61
N PRO B 243 23.07 -14.47 -23.14
CA PRO B 243 22.92 -15.84 -23.62
C PRO B 243 22.66 -16.85 -22.51
N ILE B 244 21.98 -17.92 -22.86
CA ILE B 244 21.88 -19.06 -21.98
C ILE B 244 23.16 -19.88 -22.14
N VAL B 245 23.80 -20.18 -21.04
CA VAL B 245 25.01 -20.99 -21.09
C VAL B 245 24.79 -22.20 -20.20
N LEU B 246 25.37 -23.33 -20.62
CA LEU B 246 25.47 -24.67 -20.06
C LEU B 246 26.84 -24.89 -19.46
N PRO B 247 26.97 -25.71 -18.43
CA PRO B 247 28.29 -25.93 -17.82
C PRO B 247 29.23 -26.64 -18.79
N GLU B 248 30.54 -26.42 -18.60
CA GLU B 248 31.58 -27.20 -19.25
C GLU B 248 32.32 -27.94 -18.17
N LYS B 249 32.21 -29.26 -18.20
CA LYS B 249 32.75 -30.08 -17.12
C LYS B 249 33.52 -31.25 -17.70
N ASP B 250 34.43 -31.77 -16.90
CA ASP B 250 35.07 -33.02 -17.28
C ASP B 250 34.42 -34.23 -16.62
N SER B 251 33.73 -34.06 -15.50
CA SER B 251 32.93 -35.14 -14.96
C SER B 251 31.57 -34.61 -14.54
N TRP B 252 30.53 -35.37 -14.89
CA TRP B 252 29.15 -35.04 -14.59
C TRP B 252 28.61 -36.05 -13.57
N THR B 253 28.14 -35.56 -12.43
CA THR B 253 27.35 -36.42 -11.56
C THR B 253 25.93 -36.57 -12.13
N VAL B 254 25.16 -37.49 -11.54
CA VAL B 254 23.76 -37.63 -11.88
C VAL B 254 23.01 -36.32 -11.59
N ASN B 255 23.29 -35.71 -10.45
CA ASN B 255 22.69 -34.42 -10.16
C ASN B 255 23.00 -33.38 -11.25
N ASP B 256 24.28 -33.26 -11.68
CA ASP B 256 24.62 -32.28 -12.72
C ASP B 256 23.79 -32.51 -13.96
N ILE B 257 23.66 -33.77 -14.37
CA ILE B 257 22.91 -34.09 -15.60
C ILE B 257 21.40 -33.86 -15.41
N GLN B 258 20.88 -34.13 -14.21
CA GLN B 258 19.50 -33.80 -13.93
C GLN B 258 19.26 -32.29 -14.04
N LYS B 259 20.17 -31.47 -13.49
CA LYS B 259 19.99 -30.03 -13.61
C LYS B 259 20.11 -29.58 -15.05
N LEU B 260 21.06 -30.16 -15.80
CA LEU B 260 21.21 -29.78 -17.20
C LEU B 260 19.94 -30.09 -17.98
N VAL B 261 19.43 -31.33 -17.86
CA VAL B 261 18.23 -31.69 -18.60
C VAL B 261 17.08 -30.75 -18.23
N GLY B 262 17.00 -30.37 -16.95
CA GLY B 262 15.98 -29.42 -16.55
C GLY B 262 16.15 -28.08 -17.24
N LYS B 263 17.36 -27.55 -17.19
CA LYS B 263 17.62 -26.29 -17.86
C LYS B 263 17.38 -26.42 -19.36
N LEU B 264 17.79 -27.54 -19.97
CA LEU B 264 17.60 -27.67 -21.42
C LEU B 264 16.12 -27.73 -21.78
N ASN B 265 15.34 -28.43 -20.96
CA ASN B 265 13.91 -28.55 -21.20
C ASN B 265 13.22 -27.19 -21.08
N TRP B 266 13.62 -26.40 -20.08
CA TRP B 266 13.10 -25.04 -19.96
C TRP B 266 13.43 -24.22 -21.20
N ALA B 267 14.69 -24.28 -21.62
CA ALA B 267 15.14 -23.49 -22.76
C ALA B 267 14.46 -23.90 -24.05
N SER B 268 13.87 -25.10 -24.10
CA SER B 268 13.24 -25.58 -25.33
C SER B 268 11.93 -24.88 -25.60
N GLN B 269 11.33 -24.23 -24.60
CA GLN B 269 10.19 -23.35 -24.87
C GLN B 269 10.61 -22.07 -25.56
N ILE B 270 11.90 -21.75 -25.57
CA ILE B 270 12.38 -20.51 -26.15
C ILE B 270 13.06 -20.76 -27.50
N TYR B 271 13.67 -21.92 -27.69
CA TYR B 271 14.56 -22.25 -28.79
C TYR B 271 14.13 -23.56 -29.42
N PRO B 272 14.19 -23.67 -30.75
CA PRO B 272 13.48 -24.78 -31.43
C PRO B 272 14.04 -26.16 -31.14
N GLY B 273 15.23 -26.44 -31.66
CA GLY B 273 15.63 -27.82 -31.75
C GLY B 273 16.35 -28.38 -30.55
N ILE B 274 16.06 -27.88 -29.35
CA ILE B 274 16.75 -28.40 -28.17
C ILE B 274 16.31 -29.85 -27.95
N LYS B 275 17.29 -30.74 -27.80
CA LYS B 275 17.05 -32.16 -27.58
C LYS B 275 17.73 -32.60 -26.28
N VAL B 276 17.06 -33.51 -25.56
CA VAL B 276 17.61 -34.09 -24.34
C VAL B 276 17.55 -35.62 -24.32
N ARG B 277 17.22 -36.25 -25.45
CA ARG B 277 17.08 -37.71 -25.46
C ARG B 277 18.36 -38.40 -25.03
N GLN B 278 19.49 -38.02 -25.63
CA GLN B 278 20.74 -38.70 -25.35
C GLN B 278 21.28 -38.41 -23.96
N LEU B 279 20.89 -37.28 -23.35
CA LEU B 279 21.40 -36.97 -22.02
C LEU B 279 20.59 -37.71 -20.94
N SER B 280 19.25 -37.68 -21.04
CA SER B 280 18.42 -38.53 -20.19
C SER B 280 18.84 -39.99 -20.31
N LYS B 281 19.14 -40.44 -21.51
CA LYS B 281 19.62 -41.81 -21.69
C LYS B 281 20.68 -42.15 -20.67
N LEU B 282 21.60 -41.22 -20.43
CA LEU B 282 22.69 -41.47 -19.45
C LEU B 282 22.05 -41.78 -18.10
N LEU B 283 21.04 -41.01 -17.71
CA LEU B 283 20.32 -41.27 -16.45
C LEU B 283 19.50 -42.52 -16.67
N ARG B 284 20.16 -43.68 -16.76
CA ARG B 284 19.44 -44.94 -17.07
C ARG B 284 19.49 -45.86 -15.84
N GLY B 285 18.46 -45.77 -14.98
CA GLY B 285 18.45 -46.58 -13.77
C GLY B 285 18.19 -45.74 -12.54
N THR B 286 18.56 -46.24 -11.37
CA THR B 286 18.26 -45.51 -10.12
C THR B 286 19.59 -45.21 -9.43
N LYS B 287 20.38 -44.30 -9.99
CA LYS B 287 21.68 -44.05 -9.41
C LYS B 287 21.66 -43.02 -8.28
N ALA B 288 22.64 -43.15 -7.41
CA ALA B 288 22.97 -42.13 -6.43
C ALA B 288 23.17 -40.73 -7.06
N LEU B 289 22.64 -39.69 -6.43
CA LEU B 289 22.71 -38.34 -7.01
C LEU B 289 24.15 -37.85 -7.21
N THR B 290 25.09 -38.33 -6.37
CA THR B 290 26.48 -37.86 -6.44
C THR B 290 27.38 -38.74 -7.29
N GLU B 291 26.88 -39.79 -7.90
CA GLU B 291 27.73 -40.65 -8.71
C GLU B 291 27.99 -40.02 -10.08
N VAL B 292 29.20 -40.29 -10.59
CA VAL B 292 29.70 -39.68 -11.80
C VAL B 292 29.26 -40.53 -12.97
N ILE B 293 28.72 -39.88 -13.99
CA ILE B 293 28.34 -40.51 -15.24
C ILE B 293 29.32 -40.00 -16.30
N PRO B 294 30.08 -40.87 -16.94
CA PRO B 294 30.78 -40.44 -18.14
C PRO B 294 29.76 -40.29 -19.25
N LEU B 295 29.94 -39.25 -20.06
CA LEU B 295 29.06 -39.02 -21.19
C LEU B 295 29.44 -39.94 -22.35
N THR B 296 28.43 -40.59 -22.91
CA THR B 296 28.54 -41.25 -24.20
C THR B 296 28.99 -40.27 -25.27
N GLU B 297 29.26 -40.81 -26.47
CA GLU B 297 29.58 -39.96 -27.61
C GLU B 297 28.35 -39.21 -28.11
N GLU B 298 27.21 -39.92 -28.21
CA GLU B 298 25.94 -39.27 -28.47
C GLU B 298 25.70 -38.13 -27.48
N ALA B 299 25.69 -38.45 -26.18
CA ALA B 299 25.46 -37.45 -25.16
C ALA B 299 26.20 -36.17 -25.47
N GLU B 300 27.53 -36.27 -25.62
CA GLU B 300 28.34 -35.08 -25.91
C GLU B 300 27.90 -34.39 -27.20
N LEU B 301 27.68 -35.15 -28.28
CA LEU B 301 27.22 -34.49 -29.48
C LEU B 301 25.98 -33.66 -29.19
N GLU B 302 24.96 -34.31 -28.60
CA GLU B 302 23.72 -33.62 -28.25
C GLU B 302 23.97 -32.37 -27.41
N LEU B 303 24.89 -32.46 -26.44
CA LEU B 303 25.18 -31.27 -25.63
C LEU B 303 25.76 -30.17 -26.51
N ALA B 304 26.55 -30.55 -27.51
CA ALA B 304 27.23 -29.57 -28.36
C ALA B 304 26.26 -28.90 -29.32
N GLU B 305 25.32 -29.65 -29.88
CA GLU B 305 24.34 -29.07 -30.77
C GLU B 305 23.44 -28.11 -30.03
N ASN B 306 23.15 -28.41 -28.75
CA ASN B 306 22.36 -27.48 -27.96
C ASN B 306 23.15 -26.22 -27.66
N ARG B 307 24.42 -26.37 -27.32
CA ARG B 307 25.29 -25.21 -27.16
C ARG B 307 25.24 -24.33 -28.40
N GLU B 308 25.38 -24.95 -29.58
CA GLU B 308 25.30 -24.20 -30.83
C GLU B 308 24.03 -23.36 -30.90
N ILE B 309 22.90 -24.05 -30.84
CA ILE B 309 21.58 -23.45 -30.86
C ILE B 309 21.50 -22.24 -29.93
N LEU B 310 22.08 -22.33 -28.74
CA LEU B 310 21.85 -21.27 -27.77
C LEU B 310 22.60 -20.00 -28.13
N LYS B 311 23.59 -20.08 -29.02
CA LYS B 311 24.35 -18.91 -29.44
C LYS B 311 23.55 -18.00 -30.36
N GLU B 312 22.68 -18.56 -31.18
CA GLU B 312 21.91 -17.74 -32.09
C GLU B 312 20.82 -16.97 -31.34
N PRO B 313 20.28 -15.92 -31.95
CA PRO B 313 19.19 -15.18 -31.31
C PRO B 313 17.91 -16.00 -31.29
N VAL B 314 16.93 -15.47 -30.58
CA VAL B 314 15.59 -16.02 -30.66
C VAL B 314 14.93 -15.63 -31.97
N HIS B 315 13.98 -16.45 -32.40
CA HIS B 315 13.29 -16.27 -33.67
CA HIS B 315 13.30 -16.24 -33.67
C HIS B 315 12.02 -15.45 -33.45
N GLY B 316 11.75 -14.54 -34.38
CA GLY B 316 10.53 -13.73 -34.37
C GLY B 316 10.32 -12.93 -33.11
N VAL B 317 11.32 -12.16 -32.72
CA VAL B 317 11.27 -11.39 -31.48
C VAL B 317 11.27 -9.92 -31.85
N TYR B 318 10.11 -9.29 -31.73
CA TYR B 318 9.90 -7.91 -32.16
C TYR B 318 9.30 -7.11 -31.01
N TYR B 319 9.78 -5.89 -30.82
CA TYR B 319 9.09 -4.93 -29.99
C TYR B 319 7.90 -4.34 -30.73
N ASP B 320 6.81 -4.15 -29.99
CA ASP B 320 5.56 -3.61 -30.54
C ASP B 320 5.06 -2.52 -29.60
N PRO B 321 5.18 -1.24 -29.98
CA PRO B 321 4.87 -0.17 -29.03
C PRO B 321 3.41 -0.09 -28.61
N SER B 322 2.53 -0.92 -29.15
CA SER B 322 1.14 -0.89 -28.74
C SER B 322 0.87 -1.73 -27.52
N LYS B 323 1.81 -2.57 -27.10
CA LYS B 323 1.59 -3.53 -26.03
C LYS B 323 2.43 -3.17 -24.80
N ASP B 324 2.06 -3.78 -23.69
CA ASP B 324 2.77 -3.54 -22.43
C ASP B 324 4.14 -4.22 -22.43
N LEU B 325 5.12 -3.52 -21.86
CA LEU B 325 6.38 -4.16 -21.47
C LEU B 325 6.26 -4.75 -20.06
N ILE B 326 6.80 -5.96 -19.88
CA ILE B 326 6.72 -6.68 -18.61
C ILE B 326 8.14 -7.01 -18.14
N ALA B 327 8.46 -6.65 -16.89
CA ALA B 327 9.76 -6.95 -16.28
C ALA B 327 9.56 -7.88 -15.09
N GLU B 328 10.26 -9.01 -15.12
CA GLU B 328 10.32 -9.95 -14.00
C GLU B 328 11.69 -9.88 -13.32
N ILE B 329 11.72 -9.91 -11.98
CA ILE B 329 12.99 -9.86 -11.22
C ILE B 329 13.10 -11.10 -10.33
N GLN B 330 14.29 -11.72 -10.29
CA GLN B 330 14.55 -12.79 -9.33
C GLN B 330 15.69 -12.37 -8.40
N LYS B 331 15.47 -12.55 -7.10
CA LYS B 331 16.51 -12.46 -6.08
C LYS B 331 17.39 -13.71 -6.13
N GLN B 332 18.67 -13.55 -6.44
CA GLN B 332 19.56 -14.71 -6.52
C GLN B 332 20.43 -14.85 -5.28
N GLY B 333 20.38 -13.88 -4.36
CA GLY B 333 21.23 -13.90 -3.20
C GLY B 333 22.58 -13.21 -3.43
N GLN B 334 23.17 -12.74 -2.31
CA GLN B 334 24.46 -12.07 -2.29
C GLN B 334 24.44 -10.79 -3.12
N GLY B 335 23.33 -10.04 -3.03
CA GLY B 335 23.18 -8.82 -3.79
C GLY B 335 23.08 -8.98 -5.29
N GLN B 336 22.86 -10.19 -5.77
CA GLN B 336 22.65 -10.40 -7.19
C GLN B 336 21.16 -10.51 -7.51
N TRP B 337 20.77 -9.94 -8.64
CA TRP B 337 19.38 -9.91 -9.08
C TRP B 337 19.37 -10.10 -10.59
N THR B 338 18.53 -11.00 -11.06
CA THR B 338 18.34 -11.21 -12.47
C THR B 338 17.02 -10.59 -12.86
N TYR B 339 16.89 -10.25 -14.14
CA TYR B 339 15.64 -9.67 -14.63
C TYR B 339 15.54 -9.90 -16.12
N GLN B 340 14.29 -9.97 -16.60
CA GLN B 340 13.95 -10.10 -18.00
C GLN B 340 12.79 -9.16 -18.32
N ILE B 341 12.85 -8.56 -19.51
CA ILE B 341 11.83 -7.65 -20.02
C ILE B 341 11.26 -8.26 -21.28
N TYR B 342 9.95 -8.46 -21.30
CA TYR B 342 9.32 -9.10 -22.44
C TYR B 342 7.94 -8.50 -22.66
N GLN B 343 7.27 -8.99 -23.71
CA GLN B 343 5.88 -8.72 -23.98
C GLN B 343 5.10 -10.00 -24.15
N GLU B 344 5.61 -10.92 -24.92
CA GLU B 344 5.13 -12.29 -24.98
C GLU B 344 6.09 -13.19 -24.20
N PRO B 345 5.54 -14.11 -23.42
CA PRO B 345 6.36 -15.09 -22.73
C PRO B 345 7.34 -15.78 -23.65
N PHE B 346 8.58 -15.95 -23.17
CA PHE B 346 9.67 -16.59 -23.88
C PHE B 346 10.19 -15.78 -25.05
N LYS B 347 9.72 -14.56 -25.23
CA LYS B 347 10.23 -13.70 -26.28
C LYS B 347 10.91 -12.52 -25.60
N ASN B 348 12.06 -12.77 -24.99
CA ASN B 348 12.72 -11.70 -24.24
C ASN B 348 13.26 -10.66 -25.21
N LEU B 349 12.98 -9.40 -24.92
CA LEU B 349 13.61 -8.26 -25.58
C LEU B 349 14.88 -7.82 -24.90
N LYS B 350 15.02 -8.06 -23.59
CA LYS B 350 16.25 -7.78 -22.88
C LYS B 350 16.29 -8.64 -21.62
N THR B 351 17.48 -9.12 -21.27
CA THR B 351 17.66 -9.79 -20.01
C THR B 351 18.95 -9.27 -19.37
N GLY B 352 18.94 -9.13 -18.05
CA GLY B 352 20.07 -8.52 -17.38
C GLY B 352 20.33 -9.15 -16.03
N LYS B 353 21.35 -8.61 -15.37
CA LYS B 353 21.78 -9.06 -14.06
C LYS B 353 22.31 -7.82 -13.37
N TYR B 354 22.22 -7.78 -12.05
CA TYR B 354 22.56 -6.60 -11.28
C TYR B 354 23.04 -7.05 -9.91
N ALA B 355 24.16 -6.46 -9.45
CA ALA B 355 24.85 -6.91 -8.24
C ALA B 355 25.43 -5.80 -7.37
N ARG B 356 25.21 -4.52 -7.69
CA ARG B 356 25.80 -3.40 -6.93
C ARG B 356 25.76 -3.58 -5.40
N ALA B 360 23.95 -1.43 0.14
CA ALA B 360 22.73 -1.95 0.74
C ALA B 360 22.86 -3.44 1.09
N HIS B 361 24.09 -3.90 1.33
CA HIS B 361 24.43 -5.31 1.50
C HIS B 361 23.60 -6.06 2.55
N THR B 362 22.74 -5.34 3.28
CA THR B 362 21.88 -5.97 4.27
C THR B 362 20.40 -5.62 4.17
N ASN B 363 19.98 -4.85 3.15
CA ASN B 363 18.57 -4.48 3.04
C ASN B 363 18.06 -4.98 1.69
N ASP B 364 17.37 -6.12 1.73
CA ASP B 364 16.80 -6.72 0.52
C ASP B 364 15.99 -5.71 -0.27
N VAL B 365 15.20 -4.90 0.43
CA VAL B 365 14.20 -4.03 -0.18
C VAL B 365 14.83 -2.79 -0.80
N LYS B 366 15.90 -2.26 -0.19
CA LYS B 366 16.62 -1.17 -0.84
C LYS B 366 17.20 -1.64 -2.16
N GLN B 367 17.85 -2.80 -2.16
CA GLN B 367 18.38 -3.37 -3.40
C GLN B 367 17.28 -3.53 -4.44
N LEU B 368 16.20 -4.22 -4.09
CA LEU B 368 15.12 -4.42 -5.05
C LEU B 368 14.66 -3.09 -5.61
N THR B 369 14.51 -2.09 -4.75
CA THR B 369 14.04 -0.79 -5.17
C THR B 369 15.02 -0.14 -6.13
N GLU B 370 16.33 -0.31 -5.91
CA GLU B 370 17.32 0.22 -6.84
CA GLU B 370 17.31 0.22 -6.85
C GLU B 370 17.32 -0.57 -8.14
N ALA B 371 17.11 -1.88 -8.05
CA ALA B 371 16.97 -2.69 -9.26
C ALA B 371 15.79 -2.19 -10.10
N VAL B 372 14.62 -1.95 -9.47
CA VAL B 372 13.46 -1.46 -10.22
C VAL B 372 13.80 -0.16 -10.92
N GLN B 373 14.47 0.76 -10.22
CA GLN B 373 14.85 2.02 -10.84
C GLN B 373 15.79 1.81 -12.02
N LYS B 374 16.81 0.98 -11.86
CA LYS B 374 17.77 0.76 -12.96
C LYS B 374 17.09 0.13 -14.17
N ILE B 375 16.25 -0.88 -13.93
CA ILE B 375 15.55 -1.52 -15.04
C ILE B 375 14.64 -0.49 -15.73
N THR B 376 13.90 0.30 -14.96
CA THR B 376 13.02 1.31 -15.56
C THR B 376 13.80 2.32 -16.41
N THR B 377 14.98 2.72 -15.95
CA THR B 377 15.78 3.64 -16.72
C THR B 377 16.22 3.01 -18.04
N GLU B 378 16.72 1.78 -17.99
CA GLU B 378 17.10 1.11 -19.22
C GLU B 378 15.91 1.06 -20.17
N SER B 379 14.71 0.86 -19.62
N SER B 379 14.70 0.85 -19.64
CA SER B 379 13.52 0.67 -20.44
CA SER B 379 13.56 0.68 -20.51
C SER B 379 13.10 1.98 -21.10
C SER B 379 13.13 1.99 -21.14
N ILE B 380 13.37 3.11 -20.43
CA ILE B 380 13.10 4.41 -21.03
C ILE B 380 14.07 4.67 -22.17
N VAL B 381 15.33 4.26 -22.02
CA VAL B 381 16.32 4.51 -23.08
C VAL B 381 16.09 3.61 -24.30
N ILE B 382 15.61 2.38 -24.09
CA ILE B 382 15.42 1.47 -25.23
C ILE B 382 14.09 1.75 -25.95
N TRP B 383 12.98 1.80 -25.22
CA TRP B 383 11.68 1.86 -25.85
C TRP B 383 10.90 3.13 -25.57
N GLY B 384 11.46 4.05 -24.79
CA GLY B 384 10.74 5.25 -24.43
C GLY B 384 9.49 5.05 -23.57
N LYS B 385 9.35 3.91 -22.90
CA LYS B 385 8.28 3.78 -21.91
C LYS B 385 8.73 2.84 -20.79
N THR B 386 7.90 2.82 -19.63
CA THR B 386 8.25 2.07 -18.45
C THR B 386 7.53 0.72 -18.44
N PRO B 387 8.14 -0.31 -17.88
CA PRO B 387 7.51 -1.63 -17.86
C PRO B 387 6.67 -1.85 -16.60
N LYS B 388 5.88 -2.92 -16.63
CA LYS B 388 5.11 -3.36 -15.48
C LYS B 388 5.88 -4.46 -14.77
N PHE B 389 6.21 -4.22 -13.50
CA PHE B 389 7.08 -5.15 -12.78
C PHE B 389 6.28 -6.23 -12.09
N LYS B 390 6.87 -7.39 -12.05
CA LYS B 390 6.43 -8.49 -11.22
C LYS B 390 7.52 -8.64 -10.16
N LEU B 391 7.22 -8.19 -8.95
CA LEU B 391 8.21 -8.05 -7.88
C LEU B 391 8.17 -9.26 -6.96
N PRO B 392 9.31 -9.89 -6.73
CA PRO B 392 9.43 -11.02 -5.78
C PRO B 392 9.41 -10.54 -4.34
N ILE B 393 8.26 -10.02 -3.92
CA ILE B 393 8.10 -9.44 -2.59
C ILE B 393 6.63 -9.45 -2.24
N GLN B 394 6.35 -9.57 -0.94
CA GLN B 394 4.99 -9.41 -0.42
C GLN B 394 4.59 -7.95 -0.50
N LYS B 395 3.39 -7.73 -1.04
CA LYS B 395 2.80 -6.39 -1.15
C LYS B 395 3.03 -5.49 0.06
N GLU B 396 2.75 -6.02 1.27
CA GLU B 396 2.77 -5.16 2.44
C GLU B 396 4.20 -4.71 2.77
N THR B 397 5.17 -5.60 2.62
CA THR B 397 6.54 -5.17 2.80
C THR B 397 6.91 -4.10 1.78
N TRP B 398 6.60 -4.35 0.50
CA TRP B 398 7.03 -3.41 -0.53
C TRP B 398 6.34 -2.08 -0.34
N GLU B 399 5.02 -2.10 -0.06
CA GLU B 399 4.31 -0.84 0.11
C GLU B 399 4.72 -0.10 1.38
N THR B 400 5.38 -0.81 2.30
CA THR B 400 5.76 -0.16 3.59
C THR B 400 7.23 0.27 3.56
N TRP B 401 7.91 0.19 2.41
CA TRP B 401 9.38 0.50 2.45
C TRP B 401 9.96 1.08 1.15
N TRP B 402 9.25 1.03 0.01
CA TRP B 402 9.92 1.45 -1.22
C TRP B 402 10.11 2.96 -1.29
N THR B 403 9.23 3.74 -0.66
CA THR B 403 9.37 5.19 -0.76
C THR B 403 10.60 5.68 -0.01
N GLU B 404 11.15 4.87 0.88
CA GLU B 404 12.38 5.30 1.57
C GLU B 404 13.61 5.22 0.68
N TYR B 405 13.58 4.44 -0.39
CA TYR B 405 14.78 4.27 -1.21
C TYR B 405 14.61 4.76 -2.63
N TRP B 406 13.54 5.50 -2.93
CA TRP B 406 13.20 5.89 -4.29
C TRP B 406 13.85 7.24 -4.61
N GLN B 407 14.46 7.34 -5.79
CA GLN B 407 15.16 8.57 -6.14
C GLN B 407 14.83 9.09 -7.53
N ALA B 408 14.03 8.37 -8.30
CA ALA B 408 13.60 8.82 -9.62
C ALA B 408 12.33 9.66 -9.50
N THR B 409 12.11 10.50 -10.52
CA THR B 409 10.97 11.38 -10.56
C THR B 409 9.76 10.75 -11.24
N TRP B 410 9.90 9.58 -11.84
CA TRP B 410 8.78 8.78 -12.31
C TRP B 410 8.56 7.60 -11.36
N ILE B 411 7.44 6.91 -11.56
CA ILE B 411 7.10 5.72 -10.79
C ILE B 411 6.41 4.74 -11.71
N PRO B 412 6.96 3.55 -11.89
CA PRO B 412 6.35 2.55 -12.78
C PRO B 412 5.19 1.85 -12.07
N GLU B 413 4.58 0.90 -12.77
CA GLU B 413 3.55 0.02 -12.21
C GLU B 413 4.17 -1.29 -11.76
N TRP B 414 3.47 -1.97 -10.85
CA TRP B 414 3.98 -3.23 -10.34
C TRP B 414 2.85 -4.11 -9.80
N GLU B 415 3.09 -5.42 -9.83
CA GLU B 415 2.35 -6.42 -9.08
C GLU B 415 3.33 -7.31 -8.32
N PHE B 416 2.82 -8.36 -7.66
CA PHE B 416 3.60 -9.12 -6.67
C PHE B 416 3.52 -10.60 -6.97
N VAL B 417 4.68 -11.25 -7.12
CA VAL B 417 4.79 -12.70 -7.24
C VAL B 417 4.77 -13.32 -5.84
N ASN B 418 3.80 -14.21 -5.60
CA ASN B 418 3.73 -14.87 -4.30
C ASN B 418 4.10 -16.32 -4.38
N THR B 419 4.39 -16.84 -5.56
CA THR B 419 4.73 -18.24 -5.69
C THR B 419 6.15 -18.33 -6.24
N PRO B 420 7.04 -19.06 -5.58
CA PRO B 420 8.43 -19.08 -6.03
C PRO B 420 8.54 -19.63 -7.44
N PRO B 421 9.08 -18.85 -8.36
CA PRO B 421 9.36 -19.38 -9.70
C PRO B 421 10.40 -20.50 -9.65
N LEU B 422 10.10 -21.59 -10.36
CA LEU B 422 11.11 -22.60 -10.58
C LEU B 422 12.23 -22.09 -11.49
N VAL B 423 11.98 -21.00 -12.22
CA VAL B 423 12.90 -20.49 -13.23
C VAL B 423 14.12 -19.79 -12.65
N LYS B 424 14.09 -19.36 -11.38
CA LYS B 424 15.23 -18.62 -10.82
C LYS B 424 16.55 -19.36 -11.09
N LEU B 425 16.49 -20.68 -11.09
CA LEU B 425 17.70 -21.49 -11.35
C LEU B 425 18.19 -21.25 -12.78
N TRP B 426 17.31 -21.27 -13.76
CA TRP B 426 17.73 -21.17 -15.17
C TRP B 426 18.44 -19.85 -15.47
N TYR B 427 18.43 -18.91 -14.54
CA TYR B 427 19.04 -17.58 -14.82
C TYR B 427 20.30 -17.39 -13.96
N GLN B 428 20.52 -18.29 -13.01
CA GLN B 428 21.79 -18.23 -12.23
C GLN B 428 22.83 -19.10 -12.92
C1 LE8 C . -7.41 17.17 21.41
C2 LE8 C . -6.51 17.04 20.36
C3 LE8 C . -5.33 18.01 20.27
C4 LE8 C . -4.19 17.56 21.11
C5 LE8 C . -2.83 17.33 20.88
C6 LE8 C . -3.26 16.91 22.92
C7 LE8 C . -4.25 16.40 25.20
C8 LE8 C . -3.88 15.93 26.44
C9 LE8 C . -4.84 15.71 27.42
C10 LE8 C . -6.17 15.97 27.16
C11 LE8 C . -7.11 15.72 28.25
C12 LE8 C . -6.56 16.44 25.90
C13 LE8 C . -5.58 16.65 24.93
C14 LE8 C . -6.71 16.05 19.41
C15 LE8 C . -7.81 15.21 19.50
C16 LE8 C . -8.69 15.34 20.56
C17 LE8 C . -8.50 16.33 21.52
F1 LE8 C . -7.20 18.14 22.33
F2 LE8 C . -5.85 15.92 18.36
N1 LE8 C . -2.27 16.92 22.03
N2 LE8 C . -3.22 16.57 24.28
N3 LE8 C . -7.85 15.52 29.11
O1 LE8 C . -4.46 17.28 22.42
CL1 LE8 C . -8.19 16.76 25.48
H1 LE8 C . -5.02 18.10 19.24
H2 LE8 C . -5.65 19.00 20.58
H3 LE8 C . -2.25 17.43 19.96
H5 LE8 C . -2.84 15.72 26.67
H6 LE8 C . -4.53 15.35 28.39
H7 LE8 C . -5.90 17.02 23.96
H8 LE8 C . -7.96 14.45 18.75
H9 LE8 C . -9.54 14.67 20.63
H10 LE8 C . -9.20 16.44 22.34
H4 LE8 C . -2.29 16.43 24.63
#